data_6JTD
#
_entry.id   6JTD
#
_cell.length_a   56.304
_cell.length_b   108.702
_cell.length_c   90.432
_cell.angle_alpha   90.00
_cell.angle_beta   106.17
_cell.angle_gamma   90.00
#
_symmetry.space_group_name_H-M   'P 1 21 1'
#
loop_
_entity.id
_entity.type
_entity.pdbx_description
1 polymer C-glycosyltransferase
2 non-polymer "URIDINE-5'-DIPHOSPHATE"
3 non-polymer 1,2-ETHANEDIOL
4 water water
#
_entity_poly.entity_id   1
_entity_poly.type   'polypeptide(L)'
_entity_poly.pdbx_seq_one_letter_code
;MEKSNPNSTSKPHVFLLASPGMGHLIPFLELSKRLVTLNTLQVTLFIVSNEATKARSHLMESSNNFHPDLELVDLTPANL
SELLSTDATVFKRIFLITQAAIKDLESRISSMSTPPAALIVDVFSMDAFPVADRFGIKKYVFVTLNAWFLALTTYVRTLD
REIEGEYVDLPEPIAIPGCKPLRPEDVFDPMLSRSSDGYRPYLGMSERLTKADGLLLNTWEALEPVSLKALRENEKLNQI
MTPPLYPVGPVARTTVQEVVGNECLDWLSKQPTESVLYVALGSGGIISYKQMTELAWGLEMSRQRFIWVVRLPTMEKDGA
CRFFSDVNVKGPLEYLPEGFLDRNKELGMVLPNWGPQDAILAHPSTGGFLSHCGWNSSLESIVNGVPVIAWPLYAEQKMN
ATLLTEELGVAVRPEVLPTKAVVSRDEIEKMVRRVIESKEGKMKRNRARSVQSDALKAIEKGGSSYNTLIEVAKEFEKNH
KVL
;
_entity_poly.pdbx_strand_id   A,B
#
loop_
_chem_comp.id
_chem_comp.type
_chem_comp.name
_chem_comp.formula
EDO non-polymer 1,2-ETHANEDIOL 'C2 H6 O2'
UDP RNA linking URIDINE-5'-DIPHOSPHATE 'C9 H14 N2 O12 P2'
#
# COMPACT_ATOMS: atom_id res chain seq x y z
N ASN A 5 -6.28 42.68 -15.63
CA ASN A 5 -6.31 43.86 -14.79
C ASN A 5 -5.58 43.57 -13.48
N PRO A 6 -4.35 44.04 -13.30
CA PRO A 6 -3.65 43.74 -12.04
C PRO A 6 -4.30 44.33 -10.79
N ASN A 7 -5.09 45.38 -10.96
CA ASN A 7 -5.79 46.02 -9.83
C ASN A 7 -7.18 45.43 -9.53
N SER A 8 -7.60 44.46 -10.32
CA SER A 8 -8.85 43.74 -10.07
C SER A 8 -8.70 42.77 -8.92
N THR A 9 -9.80 42.50 -8.22
CA THR A 9 -9.82 41.49 -7.16
C THR A 9 -9.68 40.11 -7.77
N SER A 10 -8.81 39.29 -7.21
CA SER A 10 -8.68 37.92 -7.69
C SER A 10 -9.65 37.01 -6.93
N LYS A 11 -10.28 36.10 -7.67
CA LYS A 11 -11.14 35.12 -7.05
C LYS A 11 -10.30 34.13 -6.23
N PRO A 12 -10.85 33.63 -5.13
CA PRO A 12 -10.14 32.56 -4.40
C PRO A 12 -10.01 31.31 -5.26
N HIS A 13 -8.92 30.58 -5.05
CA HIS A 13 -8.58 29.44 -5.90
C HIS A 13 -8.86 28.14 -5.15
N VAL A 14 -9.64 27.27 -5.79
CA VAL A 14 -9.96 25.95 -5.24
C VAL A 14 -9.26 24.91 -6.11
N PHE A 15 -8.59 23.95 -5.46
CA PHE A 15 -7.94 22.85 -6.16
C PHE A 15 -8.77 21.58 -5.93
N LEU A 16 -8.87 20.76 -6.96
CA LEU A 16 -9.48 19.43 -6.82
C LEU A 16 -8.50 18.38 -7.35
N LEU A 17 -8.59 17.18 -6.78
CA LEU A 17 -7.74 16.07 -7.15
C LEU A 17 -8.58 14.80 -7.31
N ALA A 18 -8.58 14.26 -8.52
CA ALA A 18 -9.28 13.03 -8.87
C ALA A 18 -8.30 11.93 -9.21
N SER A 19 -8.56 10.75 -8.68
CA SER A 19 -7.75 9.57 -8.89
C SER A 19 -8.18 8.83 -10.13
N PRO A 20 -7.42 7.80 -10.53
CA PRO A 20 -7.75 7.09 -11.77
C PRO A 20 -9.17 6.55 -11.76
N GLY A 21 -9.79 6.65 -12.93
CA GLY A 21 -11.09 6.06 -13.17
C GLY A 21 -12.06 7.09 -13.72
N MET A 22 -12.77 6.72 -14.80
CA MET A 22 -13.84 7.57 -15.32
C MET A 22 -14.86 7.92 -14.26
N GLY A 23 -15.12 7.00 -13.32
CA GLY A 23 -16.06 7.26 -12.25
C GLY A 23 -15.56 8.23 -11.20
N HIS A 24 -14.28 8.61 -11.25
CA HIS A 24 -13.78 9.71 -10.44
C HIS A 24 -13.64 10.98 -11.21
N LEU A 25 -13.13 10.89 -12.44
CA LEU A 25 -12.93 12.06 -13.28
C LEU A 25 -14.25 12.74 -13.61
N ILE A 26 -15.25 11.95 -14.05
CA ILE A 26 -16.47 12.56 -14.56
C ILE A 26 -17.22 13.38 -13.51
N PRO A 27 -17.49 12.85 -12.31
CA PRO A 27 -18.14 13.70 -11.30
C PRO A 27 -17.26 14.85 -10.84
N PHE A 28 -15.93 14.71 -10.86
CA PHE A 28 -15.06 15.84 -10.50
C PHE A 28 -15.09 16.93 -11.56
N LEU A 29 -15.18 16.54 -12.83
CA LEU A 29 -15.38 17.55 -13.87
C LEU A 29 -16.69 18.28 -13.67
N GLU A 30 -17.76 17.54 -13.39
CA GLU A 30 -19.05 18.18 -13.22
C GLU A 30 -19.06 19.10 -12.01
N LEU A 31 -18.54 18.64 -10.87
CA LEU A 31 -18.44 19.52 -9.71
C LEU A 31 -17.60 20.77 -10.04
N SER A 32 -16.47 20.57 -10.73
CA SER A 32 -15.62 21.70 -11.04
C SER A 32 -16.34 22.75 -11.87
N LYS A 33 -17.10 22.31 -12.90
CA LYS A 33 -17.90 23.23 -13.68
C LYS A 33 -18.99 23.88 -12.84
N ARG A 34 -19.64 23.14 -11.96
CA ARG A 34 -20.67 23.77 -11.13
C ARG A 34 -20.04 24.84 -10.25
N LEU A 35 -18.86 24.57 -9.71
CA LEU A 35 -18.21 25.55 -8.86
C LEU A 35 -17.85 26.78 -9.65
N VAL A 36 -17.26 26.58 -10.83
CA VAL A 36 -16.73 27.70 -11.57
C VAL A 36 -17.87 28.55 -12.12
N THR A 37 -19.05 27.94 -12.37
CA THR A 37 -20.16 28.70 -12.93
C THR A 37 -20.75 29.68 -11.90
N LEU A 38 -20.50 29.47 -10.59
CA LEU A 38 -20.89 30.44 -9.57
C LEU A 38 -20.20 31.79 -9.75
N ASN A 39 -19.15 31.85 -10.57
CA ASN A 39 -18.45 33.06 -10.99
C ASN A 39 -17.70 33.75 -9.85
N THR A 40 -17.55 33.07 -8.73
CA THR A 40 -16.75 33.57 -7.64
C THR A 40 -15.43 32.81 -7.37
N LEU A 41 -15.17 31.71 -8.09
CA LEU A 41 -14.06 30.83 -7.76
C LEU A 41 -13.18 30.55 -8.97
N GLN A 42 -11.87 30.61 -8.74
CA GLN A 42 -10.91 30.02 -9.65
C GLN A 42 -10.82 28.54 -9.33
N VAL A 43 -10.85 27.69 -10.35
CA VAL A 43 -10.92 26.24 -10.13
C VAL A 43 -9.85 25.57 -10.98
N THR A 44 -9.03 24.74 -10.33
CA THR A 44 -8.09 23.89 -11.04
C THR A 44 -8.34 22.44 -10.62
N LEU A 45 -8.64 21.58 -11.61
CA LEU A 45 -8.85 20.17 -11.39
C LEU A 45 -7.61 19.42 -11.84
N PHE A 46 -6.91 18.77 -10.88
CA PHE A 46 -5.79 17.90 -11.18
C PHE A 46 -6.28 16.47 -11.34
N ILE A 47 -5.92 15.86 -12.47
CA ILE A 47 -6.41 14.57 -12.89
C ILE A 47 -5.26 13.59 -12.85
N VAL A 48 -5.46 12.49 -12.16
CA VAL A 48 -4.54 11.36 -12.22
C VAL A 48 -5.25 10.21 -12.92
N SER A 49 -4.62 9.64 -13.95
CA SER A 49 -5.25 8.58 -14.73
C SER A 49 -4.30 7.38 -14.79
N ASN A 50 -4.86 6.26 -15.23
CA ASN A 50 -4.12 5.02 -15.44
C ASN A 50 -3.52 4.92 -16.82
N GLU A 51 -4.12 5.57 -17.82
CA GLU A 51 -3.49 5.62 -19.14
C GLU A 51 -4.22 6.63 -20.00
N ALA A 52 -3.62 6.91 -21.17
CA ALA A 52 -4.20 7.83 -22.12
C ALA A 52 -5.28 7.08 -22.90
N THR A 53 -6.44 7.71 -23.04
CA THR A 53 -7.50 7.16 -23.88
C THR A 53 -8.10 8.30 -24.70
N LYS A 54 -8.71 7.94 -25.82
CA LYS A 54 -9.44 8.95 -26.60
C LYS A 54 -10.60 9.51 -25.80
N ALA A 55 -11.31 8.64 -25.07
CA ALA A 55 -12.42 9.11 -24.25
C ALA A 55 -11.98 10.15 -23.23
N ARG A 56 -10.86 9.91 -22.55
CA ARG A 56 -10.41 10.88 -21.57
C ARG A 56 -9.98 12.19 -22.25
N SER A 57 -9.28 12.08 -23.38
CA SER A 57 -8.81 13.27 -24.07
C SER A 57 -9.99 14.15 -24.48
N HIS A 58 -11.07 13.54 -24.96
CA HIS A 58 -12.23 14.32 -25.38
C HIS A 58 -12.91 14.96 -24.19
N LEU A 59 -13.03 14.21 -23.09
CA LEU A 59 -13.57 14.80 -21.87
C LEU A 59 -12.73 15.99 -21.42
N MET A 60 -11.43 15.80 -21.41
CA MET A 60 -10.56 16.86 -20.94
C MET A 60 -10.62 18.06 -21.85
N GLU A 61 -10.61 17.81 -23.15
CA GLU A 61 -10.58 18.91 -24.09
C GLU A 61 -11.83 19.73 -23.94
N SER A 62 -12.97 19.10 -23.78
CA SER A 62 -14.20 19.84 -23.64
C SER A 62 -14.23 20.71 -22.40
N SER A 63 -13.82 20.13 -21.29
CA SER A 63 -13.81 20.81 -20.03
C SER A 63 -12.82 21.97 -19.92
N ASN A 64 -11.68 21.86 -20.56
CA ASN A 64 -10.63 22.86 -20.42
C ASN A 64 -11.01 24.12 -21.22
N ASN A 65 -12.05 24.00 -22.05
CA ASN A 65 -12.63 25.14 -22.77
C ASN A 65 -13.92 25.68 -22.18
N PHE A 66 -14.38 25.11 -21.08
CA PHE A 66 -15.67 25.46 -20.53
C PHE A 66 -15.78 26.86 -19.99
N HIS A 67 -14.75 27.30 -19.29
CA HIS A 67 -14.79 28.57 -18.60
C HIS A 67 -13.36 29.12 -18.49
N PRO A 68 -13.16 30.43 -18.51
CA PRO A 68 -11.79 30.94 -18.39
C PRO A 68 -11.13 30.59 -17.06
N ASP A 69 -11.92 30.57 -16.01
CA ASP A 69 -11.41 30.39 -14.66
C ASP A 69 -11.45 28.93 -14.21
N LEU A 70 -11.64 28.00 -15.15
CA LEU A 70 -11.55 26.57 -14.89
C LEU A 70 -10.40 26.00 -15.69
N GLU A 71 -9.47 25.36 -15.00
CA GLU A 71 -8.27 24.81 -15.61
C GLU A 71 -8.17 23.35 -15.26
N LEU A 72 -7.77 22.53 -16.24
CA LEU A 72 -7.44 21.12 -16.02
C LEU A 72 -5.95 20.91 -16.14
N VAL A 73 -5.39 20.11 -15.24
CA VAL A 73 -3.97 19.77 -15.23
C VAL A 73 -3.85 18.25 -15.13
N ASP A 74 -3.11 17.66 -16.07
CA ASP A 74 -2.88 16.22 -16.09
C ASP A 74 -1.68 15.90 -15.22
N LEU A 75 -1.94 15.28 -14.06
CA LEU A 75 -0.87 14.87 -13.17
C LEU A 75 -0.53 13.39 -13.30
N THR A 76 -0.93 12.75 -14.37
CA THR A 76 -0.69 11.31 -14.49
C THR A 76 0.83 11.08 -14.48
N PRO A 77 1.37 10.34 -13.54
CA PRO A 77 2.82 10.12 -13.52
C PRO A 77 3.29 9.39 -14.78
N ALA A 78 4.51 9.71 -15.20
CA ALA A 78 5.01 9.23 -16.49
C ALA A 78 5.53 7.78 -16.49
N ASN A 79 5.74 7.15 -15.33
CA ASN A 79 6.30 5.81 -15.32
C ASN A 79 5.41 4.78 -14.63
N LEU A 80 4.23 4.57 -15.18
CA LEU A 80 3.19 3.79 -14.52
C LEU A 80 3.28 2.31 -14.77
N SER A 81 4.13 1.84 -15.69
CA SER A 81 4.15 0.42 -16.02
C SER A 81 4.47 -0.40 -14.77
N GLU A 82 5.34 0.12 -13.92
CA GLU A 82 5.65 -0.53 -12.66
C GLU A 82 4.41 -0.60 -11.74
N LEU A 83 3.76 0.55 -11.52
CA LEU A 83 2.64 0.55 -10.59
C LEU A 83 1.47 -0.27 -11.13
N LEU A 84 1.16 -0.13 -12.42
CA LEU A 84 0.11 -0.94 -13.03
C LEU A 84 0.44 -2.42 -12.98
N SER A 85 1.74 -2.77 -13.02
CA SER A 85 2.18 -4.16 -13.00
C SER A 85 2.15 -4.75 -11.60
N THR A 86 1.95 -3.94 -10.57
CA THR A 86 1.90 -4.47 -9.22
C THR A 86 0.85 -5.56 -9.13
N ASP A 87 1.20 -6.66 -8.48
CA ASP A 87 0.28 -7.79 -8.32
C ASP A 87 -0.72 -7.46 -7.21
N ALA A 88 -1.77 -6.73 -7.61
CA ALA A 88 -2.72 -6.16 -6.65
C ALA A 88 -4.03 -5.90 -7.35
N THR A 89 -5.10 -5.72 -6.57
CA THR A 89 -6.39 -5.42 -7.18
C THR A 89 -6.36 -4.02 -7.82
N VAL A 90 -7.28 -3.80 -8.76
CA VAL A 90 -7.45 -2.47 -9.32
C VAL A 90 -7.69 -1.47 -8.19
N PHE A 91 -8.52 -1.83 -7.21
CA PHE A 91 -8.79 -0.97 -6.07
C PHE A 91 -7.51 -0.50 -5.42
N LYS A 92 -6.60 -1.42 -5.12
CA LYS A 92 -5.36 -1.03 -4.45
C LYS A 92 -4.47 -0.22 -5.38
N ARG A 93 -4.41 -0.58 -6.66
CA ARG A 93 -3.58 0.15 -7.59
C ARG A 93 -4.04 1.57 -7.79
N ILE A 94 -5.34 1.86 -7.68
CA ILE A 94 -5.78 3.25 -7.77
C ILE A 94 -5.09 4.08 -6.69
N PHE A 95 -5.02 3.56 -5.46
CA PHE A 95 -4.29 4.25 -4.40
C PHE A 95 -2.83 4.46 -4.79
N LEU A 96 -2.19 3.40 -5.32
CA LEU A 96 -0.75 3.46 -5.59
C LEU A 96 -0.43 4.49 -6.66
N ILE A 97 -1.24 4.54 -7.72
CA ILE A 97 -1.02 5.52 -8.77
C ILE A 97 -1.22 6.93 -8.25
N THR A 98 -2.28 7.14 -7.45
CA THR A 98 -2.56 8.46 -6.89
C THR A 98 -1.43 8.89 -5.95
N GLN A 99 -0.90 7.97 -5.16
CA GLN A 99 0.22 8.30 -4.28
C GLN A 99 1.43 8.78 -5.07
N ALA A 100 1.66 8.20 -6.25
CA ALA A 100 2.77 8.59 -7.10
C ALA A 100 2.62 9.98 -7.68
N ALA A 101 1.46 10.64 -7.47
CA ALA A 101 1.23 11.99 -7.98
C ALA A 101 1.28 13.08 -6.90
N ILE A 102 1.32 12.69 -5.61
CA ILE A 102 1.17 13.66 -4.54
C ILE A 102 2.33 14.66 -4.55
N LYS A 103 3.56 14.18 -4.80
CA LYS A 103 4.70 15.10 -4.82
C LYS A 103 4.54 16.17 -5.89
N ASP A 104 4.00 15.79 -7.05
CA ASP A 104 3.80 16.74 -8.12
C ASP A 104 2.72 17.74 -7.74
N LEU A 105 1.66 17.26 -7.08
CA LEU A 105 0.66 18.18 -6.55
C LEU A 105 1.29 19.18 -5.60
N GLU A 106 2.07 18.72 -4.63
CA GLU A 106 2.73 19.64 -3.69
C GLU A 106 3.64 20.63 -4.42
N SER A 107 4.34 20.17 -5.45
CA SER A 107 5.14 21.09 -6.26
C SER A 107 4.30 22.22 -6.85
N ARG A 108 3.12 21.87 -7.41
CA ARG A 108 2.23 22.88 -7.98
C ARG A 108 1.80 23.90 -6.93
N ILE A 109 1.41 23.41 -5.75
CA ILE A 109 0.96 24.29 -4.67
C ILE A 109 2.10 25.20 -4.21
N SER A 110 3.34 24.68 -4.15
CA SER A 110 4.43 25.46 -3.58
CA SER A 110 4.45 25.45 -3.60
C SER A 110 4.78 26.66 -4.46
N SER A 111 4.63 26.52 -5.77
CA SER A 111 5.03 27.54 -6.72
C SER A 111 4.09 28.74 -6.71
N MET A 112 2.98 28.65 -6.00
CA MET A 112 1.98 29.70 -6.02
C MET A 112 2.27 30.77 -4.99
N SER A 113 2.10 32.03 -5.42
CA SER A 113 2.31 33.14 -4.50
C SER A 113 1.38 33.02 -3.31
N THR A 114 0.12 32.67 -3.56
CA THR A 114 -0.83 32.46 -2.51
C THR A 114 -1.37 31.05 -2.60
N PRO A 115 -1.42 30.31 -1.47
CA PRO A 115 -1.92 28.94 -1.54
C PRO A 115 -3.39 28.91 -1.87
N PRO A 116 -3.88 27.83 -2.47
CA PRO A 116 -5.33 27.66 -2.71
C PRO A 116 -6.12 27.84 -1.43
N ALA A 117 -7.37 28.29 -1.60
CA ALA A 117 -8.31 28.47 -0.50
C ALA A 117 -8.91 27.15 -0.01
N ALA A 118 -8.91 26.12 -0.86
CA ALA A 118 -9.40 24.81 -0.43
C ALA A 118 -8.86 23.75 -1.39
N LEU A 119 -8.80 22.52 -0.89
CA LEU A 119 -8.43 21.36 -1.68
C LEU A 119 -9.52 20.31 -1.51
N ILE A 120 -10.10 19.88 -2.62
CA ILE A 120 -11.14 18.85 -2.63
C ILE A 120 -10.59 17.60 -3.31
N VAL A 121 -10.54 16.48 -2.58
CA VAL A 121 -9.98 15.24 -3.10
C VAL A 121 -11.07 14.14 -3.06
N ASP A 122 -10.81 13.04 -3.76
CA ASP A 122 -11.73 11.91 -3.72
C ASP A 122 -11.23 10.91 -2.69
N VAL A 123 -11.97 9.81 -2.49
CA VAL A 123 -11.70 8.91 -1.38
C VAL A 123 -10.41 8.12 -1.55
N PHE A 124 -9.80 8.18 -2.74
CA PHE A 124 -8.52 7.53 -2.97
C PHE A 124 -7.34 8.47 -2.84
N SER A 125 -7.59 9.75 -2.55
CA SER A 125 -6.59 10.80 -2.74
C SER A 125 -6.28 11.54 -1.43
N MET A 126 -6.65 10.96 -0.30
CA MET A 126 -6.46 11.64 0.97
C MET A 126 -5.00 11.60 1.44
N ASP A 127 -4.09 10.98 0.67
CA ASP A 127 -2.67 11.21 0.94
C ASP A 127 -2.25 12.63 0.57
N ALA A 128 -3.14 13.41 -0.01
CA ALA A 128 -2.85 14.83 -0.20
C ALA A 128 -3.05 15.62 1.08
N PHE A 129 -3.66 15.03 2.12
CA PHE A 129 -3.96 15.77 3.32
C PHE A 129 -2.70 16.41 3.95
N PRO A 130 -1.56 15.72 4.07
CA PRO A 130 -0.40 16.38 4.67
C PRO A 130 0.04 17.60 3.89
N VAL A 131 -0.12 17.57 2.57
CA VAL A 131 0.22 18.71 1.74
C VAL A 131 -0.65 19.90 2.11
N ALA A 132 -1.97 19.67 2.15
CA ALA A 132 -2.88 20.73 2.58
C ALA A 132 -2.48 21.28 3.94
N ASP A 133 -2.19 20.36 4.89
CA ASP A 133 -1.82 20.79 6.24
C ASP A 133 -0.61 21.71 6.23
N ARG A 134 0.43 21.35 5.47
CA ARG A 134 1.64 22.17 5.45
C ARG A 134 1.37 23.57 4.92
N PHE A 135 0.42 23.73 4.01
CA PHE A 135 0.15 25.03 3.44
C PHE A 135 -1.06 25.73 4.08
N GLY A 136 -1.59 25.18 5.16
CA GLY A 136 -2.76 25.78 5.77
C GLY A 136 -4.04 25.71 4.97
N ILE A 137 -4.14 24.77 4.05
CA ILE A 137 -5.30 24.64 3.17
C ILE A 137 -6.35 23.74 3.79
N LYS A 138 -7.58 24.25 3.89
CA LYS A 138 -8.71 23.42 4.28
C LYS A 138 -8.90 22.27 3.30
N LYS A 139 -9.15 21.08 3.83
CA LYS A 139 -9.23 19.90 3.00
C LYS A 139 -10.63 19.30 3.06
N TYR A 140 -11.17 19.02 1.89
CA TYR A 140 -12.51 18.45 1.73
C TYR A 140 -12.38 17.18 0.94
N VAL A 141 -13.26 16.22 1.21
CA VAL A 141 -13.40 15.04 0.39
C VAL A 141 -14.74 15.10 -0.32
N PHE A 142 -14.72 15.00 -1.65
CA PHE A 142 -15.93 14.79 -2.43
C PHE A 142 -16.12 13.29 -2.52
N VAL A 143 -17.01 12.79 -1.69
CA VAL A 143 -17.39 11.39 -1.68
C VAL A 143 -18.38 11.18 -2.82
N THR A 144 -17.91 10.56 -3.89
CA THR A 144 -18.68 10.39 -5.12
C THR A 144 -19.63 9.17 -5.04
N LEU A 145 -19.94 8.73 -3.83
CA LEU A 145 -20.78 7.58 -3.57
C LEU A 145 -21.98 8.08 -2.77
N ASN A 146 -22.82 7.17 -2.33
CA ASN A 146 -24.05 7.56 -1.68
C ASN A 146 -23.92 7.51 -0.16
N ALA A 147 -25.01 7.94 0.51
CA ALA A 147 -25.01 8.07 1.97
C ALA A 147 -24.93 6.70 2.63
N TRP A 148 -25.60 5.69 2.07
CA TRP A 148 -25.52 4.36 2.64
C TRP A 148 -24.09 3.88 2.67
N PHE A 149 -23.34 4.16 1.60
CA PHE A 149 -21.93 3.79 1.57
C PHE A 149 -21.16 4.59 2.61
N LEU A 150 -21.48 5.87 2.77
CA LEU A 150 -20.74 6.68 3.74
C LEU A 150 -21.01 6.16 5.15
N ALA A 151 -22.25 5.73 5.43
CA ALA A 151 -22.56 5.17 6.75
C ALA A 151 -21.79 3.90 6.99
N LEU A 152 -21.81 2.98 6.02
CA LEU A 152 -21.04 1.75 6.13
C LEU A 152 -19.57 2.08 6.39
N THR A 153 -19.03 3.03 5.62
CA THR A 153 -17.62 3.38 5.72
C THR A 153 -17.31 4.03 7.06
N THR A 154 -18.24 4.85 7.56
CA THR A 154 -18.07 5.42 8.89
C THR A 154 -17.92 4.34 9.94
N TYR A 155 -18.69 3.26 9.83
CA TYR A 155 -18.83 2.30 10.89
C TYR A 155 -18.00 1.04 10.68
N VAL A 156 -17.28 0.90 9.55
CA VAL A 156 -16.61 -0.35 9.26
C VAL A 156 -15.48 -0.67 10.24
N ARG A 157 -14.86 0.35 10.82
CA ARG A 157 -13.79 0.10 11.78
C ARG A 157 -14.35 -0.51 13.07
N THR A 158 -15.54 -0.08 13.48
CA THR A 158 -16.27 -0.75 14.55
C THR A 158 -16.63 -2.17 14.17
N LEU A 159 -17.22 -2.36 12.98
CA LEU A 159 -17.52 -3.71 12.52
C LEU A 159 -16.29 -4.62 12.58
N ASP A 160 -15.13 -4.07 12.24
CA ASP A 160 -13.89 -4.84 12.22
C ASP A 160 -13.56 -5.39 13.61
N ARG A 161 -13.82 -4.61 14.65
CA ARG A 161 -13.60 -5.07 16.02
C ARG A 161 -14.70 -6.05 16.44
N GLU A 162 -15.97 -5.70 16.16
CA GLU A 162 -17.09 -6.42 16.76
C GLU A 162 -17.38 -7.76 16.10
N ILE A 163 -17.09 -7.92 14.81
N ILE A 163 -17.04 -7.96 14.82
CA ILE A 163 -17.36 -9.17 14.11
CA ILE A 163 -17.28 -9.23 14.14
C ILE A 163 -16.07 -9.97 14.04
C ILE A 163 -15.96 -9.98 14.02
N GLU A 164 -16.16 -11.24 14.38
N GLU A 164 -15.96 -11.26 14.41
CA GLU A 164 -15.08 -12.18 14.16
CA GLU A 164 -14.71 -12.02 14.42
C GLU A 164 -15.46 -13.02 12.95
C GLU A 164 -14.38 -12.58 13.04
N GLY A 165 -14.47 -13.36 12.15
N GLY A 165 -15.37 -13.16 12.38
CA GLY A 165 -14.73 -14.12 10.94
CA GLY A 165 -15.15 -13.92 11.16
C GLY A 165 -15.21 -13.24 9.82
C GLY A 165 -15.37 -13.09 9.91
N GLU A 166 -15.44 -13.89 8.68
N GLU A 166 -15.46 -13.80 8.79
CA GLU A 166 -15.70 -13.19 7.44
CA GLU A 166 -15.69 -13.15 7.50
C GLU A 166 -17.10 -12.59 7.43
C GLU A 166 -17.10 -12.58 7.45
N TYR A 167 -17.20 -11.37 6.90
CA TYR A 167 -18.50 -10.75 6.76
C TYR A 167 -19.44 -11.59 5.91
N VAL A 168 -18.90 -12.25 4.87
CA VAL A 168 -19.74 -12.96 3.94
C VAL A 168 -20.29 -14.25 4.52
N ASP A 169 -19.80 -14.63 5.70
CA ASP A 169 -20.28 -15.81 6.40
C ASP A 169 -21.32 -15.50 7.45
N LEU A 170 -21.68 -14.23 7.63
CA LEU A 170 -22.59 -13.86 8.70
C LEU A 170 -24.00 -14.37 8.39
N PRO A 171 -24.77 -14.70 9.45
CA PRO A 171 -26.09 -15.32 9.28
C PRO A 171 -27.22 -14.41 8.88
N GLU A 172 -27.09 -13.15 9.27
CA GLU A 172 -28.15 -12.21 8.97
C GLU A 172 -27.56 -10.91 8.43
N PRO A 173 -28.40 -9.97 8.05
CA PRO A 173 -27.90 -8.68 7.57
C PRO A 173 -27.08 -7.94 8.61
N ILE A 174 -26.08 -7.21 8.12
CA ILE A 174 -25.17 -6.47 8.97
C ILE A 174 -25.86 -5.16 9.37
N ALA A 175 -26.09 -4.99 10.66
CA ALA A 175 -26.67 -3.75 11.16
C ALA A 175 -25.69 -2.61 10.93
N ILE A 176 -26.21 -1.50 10.41
CA ILE A 176 -25.50 -0.23 10.31
C ILE A 176 -26.34 0.76 11.08
N PRO A 177 -25.82 1.37 12.14
CA PRO A 177 -26.68 2.17 13.03
C PRO A 177 -27.56 3.20 12.35
N GLY A 178 -28.87 3.09 12.55
CA GLY A 178 -29.84 4.01 12.01
C GLY A 178 -30.20 3.78 10.57
N CYS A 179 -29.66 2.72 9.96
CA CYS A 179 -29.66 2.55 8.52
C CYS A 179 -30.16 1.18 8.14
N LYS A 180 -30.52 1.03 6.87
CA LYS A 180 -30.89 -0.27 6.32
C LYS A 180 -29.74 -1.26 6.51
N PRO A 181 -30.01 -2.44 7.06
CA PRO A 181 -28.93 -3.41 7.21
C PRO A 181 -28.49 -3.94 5.86
N LEU A 182 -27.28 -4.45 5.85
CA LEU A 182 -26.55 -4.79 4.63
C LEU A 182 -26.44 -6.30 4.53
N ARG A 183 -27.02 -6.87 3.47
CA ARG A 183 -26.92 -8.31 3.28
C ARG A 183 -25.46 -8.72 3.08
N PRO A 184 -25.04 -9.81 3.67
CA PRO A 184 -23.63 -10.24 3.49
C PRO A 184 -23.22 -10.39 2.05
N GLU A 185 -24.09 -10.84 1.15
CA GLU A 185 -23.67 -10.96 -0.25
C GLU A 185 -23.53 -9.59 -0.93
N ASP A 186 -24.03 -8.51 -0.31
CA ASP A 186 -23.98 -7.17 -0.90
C ASP A 186 -22.82 -6.32 -0.40
N VAL A 187 -21.96 -6.87 0.46
CA VAL A 187 -20.94 -6.02 1.07
C VAL A 187 -20.00 -5.48 -0.02
N PHE A 188 -19.49 -4.27 0.23
CA PHE A 188 -18.44 -3.66 -0.57
C PHE A 188 -17.28 -4.60 -0.81
N ASP A 189 -16.79 -4.60 -2.06
CA ASP A 189 -15.86 -5.63 -2.52
C ASP A 189 -14.76 -5.96 -1.52
N PRO A 190 -14.06 -4.97 -0.94
CA PRO A 190 -12.94 -5.28 -0.04
C PRO A 190 -13.33 -6.08 1.19
N MET A 191 -14.60 -5.96 1.60
CA MET A 191 -15.17 -6.71 2.71
C MET A 191 -15.51 -8.14 2.33
N LEU A 192 -15.39 -8.51 1.05
CA LEU A 192 -15.74 -9.86 0.64
C LEU A 192 -14.77 -10.90 1.19
N SER A 193 -13.51 -10.50 1.37
CA SER A 193 -12.51 -11.34 2.03
C SER A 193 -11.68 -10.40 2.88
N ARG A 194 -11.62 -10.66 4.18
CA ARG A 194 -10.81 -9.86 5.07
C ARG A 194 -9.32 -10.07 4.86
N SER A 195 -8.92 -11.00 4.00
CA SER A 195 -7.54 -11.13 3.57
C SER A 195 -7.25 -10.38 2.27
N SER A 196 -8.23 -9.71 1.67
CA SER A 196 -8.01 -9.03 0.39
C SER A 196 -7.06 -7.84 0.56
N ASP A 197 -6.37 -7.48 -0.52
CA ASP A 197 -5.41 -6.39 -0.40
C ASP A 197 -6.09 -5.03 -0.27
N GLY A 198 -7.42 -4.95 -0.41
CA GLY A 198 -8.13 -3.69 -0.28
C GLY A 198 -8.76 -3.51 1.07
N TYR A 199 -8.83 -4.58 1.88
CA TYR A 199 -9.55 -4.45 3.13
C TYR A 199 -8.87 -3.47 4.08
N ARG A 200 -7.55 -3.62 4.32
CA ARG A 200 -6.88 -2.66 5.18
C ARG A 200 -6.91 -1.24 4.62
N PRO A 201 -6.66 -1.03 3.33
CA PRO A 201 -6.80 0.33 2.79
C PRO A 201 -8.17 0.91 3.03
N TYR A 202 -9.19 0.07 2.97
CA TYR A 202 -10.53 0.54 3.25
C TYR A 202 -10.68 1.02 4.68
N LEU A 203 -10.10 0.29 5.64
CA LEU A 203 -10.14 0.76 7.02
C LEU A 203 -9.42 2.09 7.15
N GLY A 204 -8.28 2.25 6.45
CA GLY A 204 -7.60 3.52 6.46
C GLY A 204 -8.43 4.64 5.86
N MET A 205 -9.16 4.35 4.77
CA MET A 205 -10.05 5.35 4.20
C MET A 205 -11.09 5.78 5.23
N SER A 206 -11.68 4.81 5.92
CA SER A 206 -12.64 5.12 6.98
C SER A 206 -12.07 6.11 7.99
N GLU A 207 -10.85 5.85 8.46
CA GLU A 207 -10.25 6.71 9.48
C GLU A 207 -9.93 8.09 8.94
N ARG A 208 -9.40 8.16 7.72
CA ARG A 208 -8.90 9.44 7.25
C ARG A 208 -10.03 10.37 6.86
N LEU A 209 -11.19 9.81 6.48
CA LEU A 209 -12.31 10.66 6.18
C LEU A 209 -12.69 11.53 7.37
N THR A 210 -12.51 11.03 8.61
CA THR A 210 -12.86 11.79 9.80
C THR A 210 -11.97 13.01 9.99
N LYS A 211 -10.85 13.10 9.28
CA LYS A 211 -9.89 14.17 9.40
C LYS A 211 -10.19 15.33 8.46
N ALA A 212 -11.19 15.18 7.58
CA ALA A 212 -11.51 16.23 6.63
C ALA A 212 -12.13 17.43 7.33
N ASP A 213 -11.94 18.61 6.75
CA ASP A 213 -12.68 19.79 7.18
C ASP A 213 -14.13 19.78 6.70
N GLY A 214 -14.43 19.02 5.64
CA GLY A 214 -15.80 18.88 5.19
C GLY A 214 -15.92 17.74 4.21
N LEU A 215 -17.13 17.19 4.11
CA LEU A 215 -17.39 16.08 3.20
C LEU A 215 -18.54 16.45 2.28
N LEU A 216 -18.25 16.53 0.99
CA LEU A 216 -19.27 16.65 -0.04
C LEU A 216 -19.71 15.25 -0.45
N LEU A 217 -21.02 15.07 -0.63
CA LEU A 217 -21.60 13.75 -0.80
C LEU A 217 -22.53 13.75 -2.00
N ASN A 218 -22.38 12.74 -2.86
CA ASN A 218 -23.12 12.71 -4.12
C ASN A 218 -24.47 12.05 -3.88
N THR A 219 -25.28 12.73 -3.06
CA THR A 219 -26.64 12.29 -2.79
C THR A 219 -27.45 13.54 -2.46
N TRP A 220 -28.74 13.34 -2.20
CA TRP A 220 -29.59 14.47 -1.87
C TRP A 220 -30.62 14.10 -0.80
N GLU A 221 -31.15 15.14 -0.15
CA GLU A 221 -31.99 14.90 1.02
C GLU A 221 -33.12 13.96 0.69
N ALA A 222 -33.78 14.16 -0.48
CA ALA A 222 -34.97 13.38 -0.80
C ALA A 222 -34.64 11.93 -1.13
N LEU A 223 -33.39 11.66 -1.54
CA LEU A 223 -33.04 10.31 -1.92
C LEU A 223 -32.78 9.41 -0.73
N GLU A 224 -32.03 9.89 0.28
CA GLU A 224 -31.58 9.05 1.36
C GLU A 224 -31.84 9.72 2.71
N PRO A 225 -33.10 10.03 3.01
CA PRO A 225 -33.42 10.73 4.25
C PRO A 225 -33.00 9.97 5.49
N VAL A 226 -33.17 8.64 5.50
CA VAL A 226 -32.84 7.84 6.67
C VAL A 226 -31.33 7.82 6.91
N SER A 227 -30.56 7.51 5.86
CA SER A 227 -29.11 7.38 6.03
C SER A 227 -28.48 8.71 6.37
N LEU A 228 -28.97 9.79 5.76
CA LEU A 228 -28.46 11.11 6.08
C LEU A 228 -28.78 11.49 7.53
N LYS A 229 -29.97 11.11 7.99
CA LYS A 229 -30.36 11.40 9.37
C LYS A 229 -29.51 10.60 10.35
N ALA A 230 -29.23 9.33 10.04
CA ALA A 230 -28.35 8.53 10.87
C ALA A 230 -26.94 9.13 10.90
N LEU A 231 -26.40 9.48 9.74
CA LEU A 231 -25.08 10.11 9.72
C LEU A 231 -25.06 11.34 10.60
N ARG A 232 -26.12 12.13 10.55
CA ARG A 232 -26.15 13.41 11.23
C ARG A 232 -26.46 13.29 12.73
N GLU A 233 -27.26 12.30 13.12
CA GLU A 233 -27.88 12.28 14.45
C GLU A 233 -27.62 11.01 15.25
N ASN A 234 -27.27 9.90 14.62
CA ASN A 234 -27.07 8.66 15.34
C ASN A 234 -25.69 8.69 16.01
N GLU A 235 -25.69 8.57 17.35
CA GLU A 235 -24.47 8.82 18.13
C GLU A 235 -23.36 7.86 17.73
N LYS A 236 -23.73 6.60 17.40
CA LYS A 236 -22.73 5.64 16.96
C LYS A 236 -22.02 6.10 15.70
N LEU A 237 -22.69 6.89 14.84
CA LEU A 237 -22.08 7.34 13.59
C LEU A 237 -21.57 8.77 13.68
N ASN A 238 -22.35 9.69 14.25
CA ASN A 238 -21.90 11.07 14.29
C ASN A 238 -20.82 11.28 15.35
N GLN A 239 -20.61 10.30 16.24
CA GLN A 239 -19.44 10.32 17.11
C GLN A 239 -18.16 10.06 16.33
N ILE A 240 -18.24 9.29 15.24
CA ILE A 240 -17.06 8.96 14.44
C ILE A 240 -16.83 9.93 13.29
N MET A 241 -17.83 10.05 12.41
CA MET A 241 -17.70 10.92 11.25
C MET A 241 -18.12 12.34 11.64
N THR A 242 -17.19 13.05 12.27
CA THR A 242 -17.43 14.39 12.78
C THR A 242 -17.43 15.52 11.76
N PRO A 243 -16.81 15.41 10.59
CA PRO A 243 -16.74 16.56 9.70
C PRO A 243 -18.13 16.96 9.22
N PRO A 244 -18.32 18.24 8.93
CA PRO A 244 -19.61 18.67 8.39
C PRO A 244 -19.88 17.97 7.06
N LEU A 245 -21.17 17.70 6.80
CA LEU A 245 -21.63 16.89 5.68
C LEU A 245 -22.44 17.75 4.73
N TYR A 246 -22.11 17.67 3.43
CA TYR A 246 -22.75 18.50 2.42
C TYR A 246 -23.27 17.68 1.24
N PRO A 247 -24.51 17.21 1.30
CA PRO A 247 -25.10 16.53 0.11
C PRO A 247 -25.30 17.52 -1.01
N VAL A 248 -24.70 17.23 -2.19
CA VAL A 248 -24.73 18.16 -3.31
C VAL A 248 -25.18 17.49 -4.59
N GLY A 249 -25.71 16.27 -4.46
CA GLY A 249 -26.01 15.45 -5.62
C GLY A 249 -27.43 15.72 -6.09
N PRO A 250 -27.76 15.26 -7.32
CA PRO A 250 -26.84 14.50 -8.15
C PRO A 250 -25.85 15.35 -8.89
N VAL A 251 -24.57 15.07 -8.61
CA VAL A 251 -23.47 15.63 -9.41
C VAL A 251 -23.28 14.69 -10.59
N ALA A 252 -23.83 15.07 -11.73
CA ALA A 252 -23.96 14.17 -12.87
C ALA A 252 -24.18 15.04 -14.10
N ARG A 253 -23.92 14.47 -15.26
CA ARG A 253 -24.16 15.22 -16.49
C ARG A 253 -25.67 15.38 -16.71
N THR A 254 -26.18 16.56 -16.47
CA THR A 254 -27.62 16.82 -16.57
C THR A 254 -27.97 17.74 -17.70
N THR A 255 -26.97 18.29 -18.37
CA THR A 255 -27.15 18.99 -19.65
C THR A 255 -26.29 18.20 -20.62
N VAL A 256 -26.88 17.72 -21.68
CA VAL A 256 -26.10 17.14 -22.76
C VAL A 256 -26.33 18.06 -23.96
N GLN A 257 -25.24 18.51 -24.56
CA GLN A 257 -25.33 19.44 -25.66
C GLN A 257 -25.17 18.69 -26.98
N GLU A 258 -25.83 19.21 -28.01
CA GLU A 258 -26.02 18.49 -29.25
C GLU A 258 -24.69 18.00 -29.82
N VAL A 259 -24.73 16.79 -30.36
CA VAL A 259 -23.58 16.14 -30.99
C VAL A 259 -23.88 16.04 -32.48
N VAL A 260 -22.94 16.50 -33.31
CA VAL A 260 -23.06 16.36 -34.76
C VAL A 260 -22.14 15.23 -35.19
N GLY A 261 -22.66 14.32 -36.01
CA GLY A 261 -21.86 13.32 -36.65
C GLY A 261 -21.63 12.02 -35.90
N ASN A 262 -22.31 11.82 -34.77
CA ASN A 262 -22.12 10.58 -33.99
C ASN A 262 -23.05 9.53 -34.55
N GLU A 263 -22.45 8.48 -35.13
CA GLU A 263 -23.23 7.42 -35.75
C GLU A 263 -24.21 6.78 -34.79
N CYS A 264 -23.78 6.53 -33.56
CA CYS A 264 -24.68 5.89 -32.59
C CYS A 264 -25.89 6.78 -32.34
N LEU A 265 -25.63 8.07 -32.08
CA LEU A 265 -26.73 8.94 -31.70
C LEU A 265 -27.65 9.20 -32.88
N ASP A 266 -27.09 9.29 -34.08
CA ASP A 266 -27.92 9.46 -35.27
C ASP A 266 -28.84 8.28 -35.48
N TRP A 267 -28.32 7.06 -35.26
CA TRP A 267 -29.14 5.85 -35.37
C TRP A 267 -30.21 5.82 -34.27
N LEU A 268 -29.82 6.19 -33.06
CA LEU A 268 -30.74 6.19 -31.93
C LEU A 268 -31.90 7.12 -32.21
N SER A 269 -31.62 8.29 -32.81
CA SER A 269 -32.69 9.22 -33.15
C SER A 269 -33.68 8.67 -34.15
N LYS A 270 -33.37 7.57 -34.83
CA LYS A 270 -34.29 6.95 -35.77
C LYS A 270 -35.12 5.86 -35.14
N GLN A 271 -34.92 5.57 -33.84
CA GLN A 271 -35.67 4.52 -33.17
C GLN A 271 -36.86 5.10 -32.44
N PRO A 272 -37.87 4.29 -32.20
CA PRO A 272 -39.09 4.78 -31.54
C PRO A 272 -38.83 5.18 -30.08
N THR A 273 -39.72 6.04 -29.59
CA THR A 273 -39.65 6.48 -28.21
C THR A 273 -39.60 5.30 -27.27
N GLU A 274 -38.71 5.41 -26.28
CA GLU A 274 -38.59 4.45 -25.17
C GLU A 274 -38.36 3.01 -25.64
N SER A 275 -37.70 2.81 -26.77
CA SER A 275 -37.60 1.48 -27.36
C SER A 275 -36.23 0.83 -27.25
N VAL A 276 -35.20 1.59 -26.89
CA VAL A 276 -33.84 1.08 -26.94
C VAL A 276 -33.31 0.79 -25.55
N LEU A 277 -32.72 -0.39 -25.38
CA LEU A 277 -32.06 -0.76 -24.15
C LEU A 277 -30.57 -0.45 -24.31
N TYR A 278 -30.07 0.43 -23.47
CA TYR A 278 -28.64 0.68 -23.39
C TYR A 278 -28.00 -0.32 -22.42
N VAL A 279 -26.91 -0.93 -22.84
CA VAL A 279 -26.27 -2.02 -22.10
C VAL A 279 -24.81 -1.63 -21.96
N ALA A 280 -24.38 -1.33 -20.74
CA ALA A 280 -22.98 -0.94 -20.57
C ALA A 280 -22.65 -1.12 -19.10
N LEU A 281 -21.61 -1.91 -18.82
CA LEU A 281 -21.24 -2.23 -17.44
C LEU A 281 -20.10 -1.31 -17.01
N GLY A 282 -20.42 -0.03 -17.00
CA GLY A 282 -19.50 1.01 -16.58
C GLY A 282 -18.29 1.17 -17.49
N SER A 283 -17.29 1.86 -16.94
CA SER A 283 -16.00 1.95 -17.61
C SER A 283 -15.12 0.75 -17.26
N GLY A 284 -15.34 0.12 -16.10
CA GLY A 284 -14.40 -0.88 -15.61
C GLY A 284 -14.92 -2.32 -15.62
N GLY A 285 -16.19 -2.50 -16.00
CA GLY A 285 -16.81 -3.80 -15.90
C GLY A 285 -16.41 -4.72 -17.05
N ILE A 286 -16.13 -5.96 -16.70
CA ILE A 286 -15.81 -7.02 -17.64
C ILE A 286 -16.61 -8.27 -17.29
N ILE A 287 -16.88 -9.07 -18.31
CA ILE A 287 -17.63 -10.30 -18.16
C ILE A 287 -16.90 -11.43 -18.86
N SER A 288 -17.17 -12.65 -18.40
CA SER A 288 -16.56 -13.81 -19.02
C SER A 288 -17.06 -14.01 -20.45
N TYR A 289 -16.24 -14.70 -21.25
CA TYR A 289 -16.64 -15.07 -22.60
C TYR A 289 -17.99 -15.78 -22.59
N LYS A 290 -18.18 -16.68 -21.62
CA LYS A 290 -19.43 -17.42 -21.53
C LYS A 290 -20.61 -16.50 -21.23
N GLN A 291 -20.41 -15.56 -20.30
CA GLN A 291 -21.45 -14.60 -19.97
C GLN A 291 -21.71 -13.66 -21.14
N MET A 292 -20.66 -13.26 -21.85
CA MET A 292 -20.86 -12.44 -23.03
C MET A 292 -21.69 -13.17 -24.08
N THR A 293 -21.46 -14.48 -24.24
CA THR A 293 -22.25 -15.26 -25.18
C THR A 293 -23.72 -15.30 -24.78
N GLU A 294 -24.00 -15.53 -23.49
CA GLU A 294 -25.39 -15.54 -23.05
C GLU A 294 -26.05 -14.17 -23.23
N LEU A 295 -25.32 -13.09 -22.91
CA LEU A 295 -25.88 -11.74 -23.08
C LEU A 295 -26.18 -11.43 -24.55
N ALA A 296 -25.30 -11.81 -25.45
CA ALA A 296 -25.54 -11.60 -26.87
C ALA A 296 -26.81 -12.33 -27.32
N TRP A 297 -26.96 -13.59 -26.91
CA TRP A 297 -28.13 -14.35 -27.32
C TRP A 297 -29.39 -13.82 -26.64
N GLY A 298 -29.30 -13.45 -25.37
CA GLY A 298 -30.42 -12.82 -24.70
C GLY A 298 -30.92 -11.58 -25.42
N LEU A 299 -30.00 -10.72 -25.84
CA LEU A 299 -30.41 -9.50 -26.53
C LEU A 299 -31.04 -9.82 -27.88
N GLU A 300 -30.42 -10.75 -28.63
CA GLU A 300 -30.99 -11.13 -29.92
C GLU A 300 -32.37 -11.73 -29.74
N MET A 301 -32.50 -12.64 -28.76
CA MET A 301 -33.75 -13.35 -28.56
C MET A 301 -34.85 -12.41 -28.12
N SER A 302 -34.52 -11.32 -27.40
CA SER A 302 -35.52 -10.38 -26.91
C SER A 302 -36.25 -9.67 -28.04
N ARG A 303 -35.60 -9.53 -29.21
CA ARG A 303 -36.10 -8.74 -30.35
C ARG A 303 -36.38 -7.28 -29.97
N GLN A 304 -35.70 -6.77 -28.94
CA GLN A 304 -35.76 -5.37 -28.58
C GLN A 304 -34.53 -4.66 -29.13
N ARG A 305 -34.66 -3.36 -29.37
CA ARG A 305 -33.52 -2.59 -29.84
C ARG A 305 -32.52 -2.41 -28.70
N PHE A 306 -31.23 -2.33 -29.06
CA PHE A 306 -30.24 -2.17 -28.03
C PHE A 306 -28.99 -1.50 -28.56
N ILE A 307 -28.27 -0.88 -27.62
CA ILE A 307 -26.93 -0.34 -27.81
C ILE A 307 -26.06 -0.98 -26.74
N TRP A 308 -25.02 -1.69 -27.16
CA TRP A 308 -24.29 -2.56 -26.25
C TRP A 308 -22.82 -2.20 -26.32
N VAL A 309 -22.27 -1.74 -25.19
CA VAL A 309 -20.84 -1.42 -25.08
C VAL A 309 -20.12 -2.70 -24.64
N VAL A 310 -19.23 -3.19 -25.49
CA VAL A 310 -18.54 -4.44 -25.21
C VAL A 310 -17.05 -4.21 -25.03
N ARG A 311 -16.44 -5.03 -24.18
CA ARG A 311 -14.99 -5.07 -24.05
C ARG A 311 -14.48 -6.50 -24.19
N LEU A 312 -13.17 -6.64 -24.27
CA LEU A 312 -12.57 -7.95 -24.18
C LEU A 312 -13.11 -8.68 -22.94
N PRO A 313 -13.51 -9.94 -23.05
CA PRO A 313 -13.90 -10.73 -21.89
C PRO A 313 -12.76 -10.92 -20.91
N THR A 314 -13.17 -11.35 -19.72
CA THR A 314 -12.21 -11.59 -18.65
CA THR A 314 -12.21 -11.59 -18.65
C THR A 314 -11.12 -12.55 -19.09
N MET A 315 -9.90 -12.22 -18.72
CA MET A 315 -8.72 -13.05 -19.02
C MET A 315 -8.18 -13.59 -17.69
N GLU A 316 -7.15 -14.44 -17.77
CA GLU A 316 -6.63 -15.08 -16.56
C GLU A 316 -6.11 -14.04 -15.57
N LYS A 317 -5.44 -13.01 -16.07
CA LYS A 317 -4.84 -12.03 -15.17
C LYS A 317 -5.85 -11.03 -14.60
N ASP A 318 -7.11 -11.07 -15.03
CA ASP A 318 -8.06 -10.06 -14.61
C ASP A 318 -8.56 -10.32 -13.20
N GLY A 319 -8.85 -9.25 -12.49
CA GLY A 319 -9.54 -9.32 -11.22
C GLY A 319 -11.03 -9.05 -11.34
N ALA A 320 -11.57 -8.30 -10.37
CA ALA A 320 -13.00 -8.02 -10.34
C ALA A 320 -13.42 -6.99 -11.39
N CYS A 321 -12.52 -6.10 -11.78
CA CYS A 321 -12.79 -5.12 -12.83
C CYS A 321 -11.48 -4.96 -13.60
N ARG A 322 -11.48 -4.05 -14.57
CA ARG A 322 -10.32 -3.80 -15.41
C ARG A 322 -10.14 -2.30 -15.57
N PHE A 323 -8.90 -1.80 -15.40
CA PHE A 323 -8.60 -0.43 -15.77
C PHE A 323 -9.11 -0.15 -17.18
N PHE A 324 -9.75 1.00 -17.35
CA PHE A 324 -10.38 1.33 -18.61
C PHE A 324 -9.33 1.61 -19.67
N SER A 325 -9.52 1.03 -20.83
CA SER A 325 -8.65 1.25 -21.98
C SER A 325 -9.50 1.24 -23.25
N ASP A 326 -9.07 1.98 -24.26
CA ASP A 326 -9.76 1.96 -25.54
C ASP A 326 -8.86 1.61 -26.71
N VAL A 327 -7.69 1.03 -26.46
CA VAL A 327 -6.81 0.67 -27.58
C VAL A 327 -7.22 -0.61 -28.29
N ASN A 328 -8.01 -1.48 -27.64
CA ASN A 328 -8.55 -2.67 -28.32
C ASN A 328 -9.78 -2.23 -29.10
N VAL A 329 -9.55 -1.62 -30.27
CA VAL A 329 -10.64 -0.99 -31.00
C VAL A 329 -11.63 -2.01 -31.56
N LYS A 330 -11.13 -3.10 -32.15
CA LYS A 330 -12.01 -4.07 -32.78
C LYS A 330 -12.07 -5.40 -32.04
N GLY A 331 -11.08 -5.66 -31.19
CA GLY A 331 -11.00 -6.95 -30.52
C GLY A 331 -12.24 -7.42 -29.81
N PRO A 332 -12.93 -6.53 -29.10
CA PRO A 332 -14.13 -6.99 -28.37
C PRO A 332 -15.17 -7.59 -29.29
N LEU A 333 -15.26 -7.13 -30.54
CA LEU A 333 -16.26 -7.68 -31.45
C LEU A 333 -15.98 -9.14 -31.79
N GLU A 334 -14.73 -9.58 -31.62
CA GLU A 334 -14.34 -10.93 -31.97
C GLU A 334 -14.94 -11.94 -31.03
N TYR A 335 -15.47 -11.50 -29.90
CA TYR A 335 -16.00 -12.39 -28.88
C TYR A 335 -17.52 -12.45 -28.89
N LEU A 336 -18.14 -11.92 -29.92
CA LEU A 336 -19.56 -12.12 -30.15
C LEU A 336 -19.78 -13.41 -30.93
N PRO A 337 -20.98 -13.97 -30.84
CA PRO A 337 -21.32 -15.13 -31.69
C PRO A 337 -21.09 -14.79 -33.16
N GLU A 338 -20.69 -15.82 -33.93
CA GLU A 338 -20.43 -15.63 -35.35
C GLU A 338 -21.65 -15.03 -36.04
N GLY A 339 -21.40 -13.97 -36.82
CA GLY A 339 -22.44 -13.30 -37.58
C GLY A 339 -23.34 -12.36 -36.79
N PHE A 340 -23.04 -12.11 -35.52
CA PHE A 340 -23.96 -11.38 -34.63
C PHE A 340 -24.25 -10.00 -35.15
N LEU A 341 -23.20 -9.31 -35.63
CA LEU A 341 -23.33 -7.91 -35.97
C LEU A 341 -24.24 -7.74 -37.17
N ASP A 342 -24.11 -8.63 -38.15
CA ASP A 342 -24.96 -8.57 -39.32
C ASP A 342 -26.35 -9.11 -39.04
N ARG A 343 -26.46 -10.19 -38.29
CA ARG A 343 -27.76 -10.71 -37.91
C ARG A 343 -28.59 -9.71 -37.13
N ASN A 344 -27.95 -8.84 -36.32
CA ASN A 344 -28.68 -7.89 -35.49
C ASN A 344 -28.54 -6.44 -35.97
N LYS A 345 -28.26 -6.22 -37.26
CA LYS A 345 -28.01 -4.87 -37.73
C LYS A 345 -29.25 -3.99 -37.74
N GLU A 346 -30.44 -4.56 -37.79
CA GLU A 346 -31.64 -3.72 -37.79
C GLU A 346 -31.89 -3.11 -36.42
N LEU A 347 -31.79 -3.94 -35.36
CA LEU A 347 -32.19 -3.53 -34.02
C LEU A 347 -31.06 -3.23 -33.05
N GLY A 348 -29.86 -3.65 -33.35
CA GLY A 348 -28.77 -3.62 -32.38
C GLY A 348 -27.57 -2.89 -32.90
N MET A 349 -26.96 -2.09 -32.03
CA MET A 349 -25.68 -1.47 -32.30
C MET A 349 -24.70 -1.85 -31.19
N VAL A 350 -23.55 -2.37 -31.59
CA VAL A 350 -22.51 -2.78 -30.65
C VAL A 350 -21.33 -1.81 -30.73
N LEU A 351 -20.93 -1.27 -29.59
CA LEU A 351 -19.82 -0.32 -29.54
C LEU A 351 -18.67 -0.91 -28.73
N PRO A 352 -17.47 -1.00 -29.30
CA PRO A 352 -16.35 -1.48 -28.50
C PRO A 352 -15.94 -0.45 -27.45
N ASN A 353 -15.82 -0.86 -26.19
CA ASN A 353 -15.16 -0.06 -25.11
C ASN A 353 -15.92 1.13 -24.52
N TRP A 354 -16.33 2.11 -25.34
CA TRP A 354 -16.91 3.34 -24.84
C TRP A 354 -18.10 3.76 -25.69
N GLY A 355 -19.19 4.17 -25.05
CA GLY A 355 -20.28 4.80 -25.75
C GLY A 355 -20.59 6.15 -25.17
N PRO A 356 -21.38 6.97 -25.92
CA PRO A 356 -21.74 8.30 -25.40
C PRO A 356 -22.90 8.20 -24.42
N GLN A 357 -22.56 7.71 -23.23
CA GLN A 357 -23.60 7.32 -22.26
C GLN A 357 -24.49 8.48 -21.84
N ASP A 358 -23.92 9.66 -21.61
CA ASP A 358 -24.74 10.79 -21.17
C ASP A 358 -25.79 11.11 -22.21
N ALA A 359 -25.39 11.13 -23.48
CA ALA A 359 -26.32 11.47 -24.55
C ALA A 359 -27.35 10.36 -24.77
N ILE A 360 -26.92 9.10 -24.68
CA ILE A 360 -27.84 7.98 -24.83
C ILE A 360 -28.89 8.00 -23.72
N LEU A 361 -28.46 8.10 -22.45
CA LEU A 361 -29.46 8.05 -21.38
C LEU A 361 -30.41 9.24 -21.41
N ALA A 362 -29.97 10.38 -21.96
CA ALA A 362 -30.85 11.55 -22.12
C ALA A 362 -31.77 11.46 -23.34
N HIS A 363 -31.57 10.49 -24.20
CA HIS A 363 -32.30 10.43 -25.48
C HIS A 363 -33.70 9.86 -25.26
N PRO A 364 -34.72 10.46 -25.87
CA PRO A 364 -36.11 9.99 -25.67
C PRO A 364 -36.36 8.61 -26.23
N SER A 365 -35.49 8.11 -27.12
CA SER A 365 -35.69 6.76 -27.66
C SER A 365 -35.09 5.67 -26.76
N THR A 366 -34.46 6.05 -25.67
CA THR A 366 -33.93 5.07 -24.73
C THR A 366 -34.98 4.67 -23.73
N GLY A 367 -35.18 3.36 -23.62
CA GLY A 367 -36.20 2.81 -22.75
C GLY A 367 -35.70 2.13 -21.50
N GLY A 368 -34.41 1.80 -21.43
CA GLY A 368 -33.91 1.12 -20.26
C GLY A 368 -32.40 1.09 -20.28
N PHE A 369 -31.82 0.67 -19.16
CA PHE A 369 -30.36 0.71 -18.96
C PHE A 369 -29.95 -0.56 -18.21
N LEU A 370 -29.30 -1.49 -18.90
CA LEU A 370 -28.67 -2.61 -18.22
C LEU A 370 -27.33 -2.09 -17.72
N SER A 371 -27.23 -1.90 -16.40
CA SER A 371 -26.12 -1.18 -15.77
C SER A 371 -25.44 -2.04 -14.72
N HIS A 372 -24.12 -1.78 -14.52
CA HIS A 372 -23.45 -2.43 -13.39
C HIS A 372 -23.70 -1.67 -12.10
N CYS A 373 -24.50 -0.60 -12.16
CA CYS A 373 -24.91 0.14 -10.99
C CYS A 373 -23.75 0.78 -10.24
N GLY A 374 -22.65 1.09 -10.93
CA GLY A 374 -21.73 2.08 -10.38
C GLY A 374 -22.49 3.36 -10.09
N TRP A 375 -21.99 4.18 -9.15
CA TRP A 375 -22.87 5.23 -8.65
C TRP A 375 -23.08 6.31 -9.72
N ASN A 376 -22.06 6.63 -10.53
CA ASN A 376 -22.28 7.65 -11.57
C ASN A 376 -23.33 7.17 -12.56
N SER A 377 -23.23 5.91 -12.99
CA SER A 377 -24.19 5.38 -13.95
C SER A 377 -25.58 5.36 -13.36
N SER A 378 -25.68 4.99 -12.06
CA SER A 378 -26.96 5.01 -11.37
C SER A 378 -27.57 6.39 -11.40
N LEU A 379 -26.77 7.41 -11.04
CA LEU A 379 -27.24 8.78 -11.05
C LEU A 379 -27.67 9.21 -12.43
N GLU A 380 -26.91 8.80 -13.47
CA GLU A 380 -27.29 9.17 -14.83
C GLU A 380 -28.61 8.52 -15.22
N SER A 381 -28.89 7.32 -14.71
CA SER A 381 -30.21 6.73 -14.98
C SER A 381 -31.30 7.54 -14.25
N ILE A 382 -31.03 7.99 -13.02
CA ILE A 382 -31.99 8.73 -12.24
C ILE A 382 -32.26 10.11 -12.84
N VAL A 383 -31.21 10.85 -13.19
CA VAL A 383 -31.47 12.21 -13.70
C VAL A 383 -32.19 12.18 -15.03
N ASN A 384 -32.22 11.04 -15.69
CA ASN A 384 -32.91 10.92 -16.96
C ASN A 384 -34.16 10.08 -16.88
N GLY A 385 -34.49 9.56 -15.69
CA GLY A 385 -35.70 8.76 -15.54
C GLY A 385 -35.72 7.48 -16.32
N VAL A 386 -34.62 6.76 -16.39
CA VAL A 386 -34.51 5.53 -17.17
C VAL A 386 -34.52 4.36 -16.21
N PRO A 387 -35.38 3.36 -16.42
CA PRO A 387 -35.39 2.20 -15.50
C PRO A 387 -34.22 1.27 -15.84
N VAL A 388 -33.89 0.41 -14.88
CA VAL A 388 -32.58 -0.26 -14.86
C VAL A 388 -32.76 -1.76 -14.81
N ILE A 389 -31.88 -2.47 -15.53
CA ILE A 389 -31.58 -3.88 -15.24
C ILE A 389 -30.30 -3.91 -14.42
N ALA A 390 -30.37 -4.34 -13.15
CA ALA A 390 -29.25 -4.20 -12.22
C ALA A 390 -28.31 -5.40 -12.32
N TRP A 391 -27.06 -5.13 -12.67
CA TRP A 391 -26.05 -6.15 -12.94
C TRP A 391 -24.76 -5.75 -12.24
N PRO A 392 -24.75 -5.77 -10.91
CA PRO A 392 -23.59 -5.28 -10.16
C PRO A 392 -22.40 -6.21 -10.28
N LEU A 393 -21.20 -5.59 -10.26
CA LEU A 393 -19.98 -6.38 -10.50
C LEU A 393 -18.90 -6.19 -9.47
N TYR A 394 -18.63 -4.96 -9.00
CA TYR A 394 -17.47 -4.69 -8.15
C TYR A 394 -17.76 -3.44 -7.36
N ALA A 395 -16.77 -3.03 -6.56
CA ALA A 395 -16.84 -1.85 -5.69
C ALA A 395 -18.09 -1.99 -4.83
N GLU A 396 -18.93 -0.96 -4.70
CA GLU A 396 -20.13 -0.96 -3.90
C GLU A 396 -21.37 -1.10 -4.77
N GLN A 397 -21.21 -1.71 -5.95
CA GLN A 397 -22.30 -1.81 -6.89
C GLN A 397 -23.43 -2.71 -6.38
N LYS A 398 -23.12 -3.74 -5.60
CA LYS A 398 -24.20 -4.59 -5.08
C LYS A 398 -25.09 -3.82 -4.12
N MET A 399 -24.49 -2.95 -3.29
CA MET A 399 -25.27 -2.04 -2.47
C MET A 399 -26.11 -1.09 -3.33
N ASN A 400 -25.50 -0.52 -4.37
CA ASN A 400 -26.26 0.38 -5.25
C ASN A 400 -27.41 -0.37 -5.90
N ALA A 401 -27.14 -1.56 -6.43
CA ALA A 401 -28.20 -2.36 -7.08
C ALA A 401 -29.37 -2.61 -6.12
N THR A 402 -29.06 -2.93 -4.86
CA THR A 402 -30.10 -3.12 -3.86
C THR A 402 -30.84 -1.83 -3.55
N LEU A 403 -30.12 -0.70 -3.51
CA LEU A 403 -30.79 0.58 -3.30
C LEU A 403 -31.77 0.85 -4.45
N LEU A 404 -31.31 0.70 -5.69
CA LEU A 404 -32.19 0.95 -6.83
C LEU A 404 -33.39 0.00 -6.84
N THR A 405 -33.18 -1.27 -6.49
CA THR A 405 -34.24 -2.25 -6.65
C THR A 405 -35.21 -2.22 -5.46
N GLU A 406 -34.70 -2.29 -4.23
CA GLU A 406 -35.53 -2.44 -3.05
C GLU A 406 -36.04 -1.09 -2.54
N GLU A 407 -35.22 -0.06 -2.58
CA GLU A 407 -35.66 1.21 -2.05
C GLU A 407 -36.33 2.16 -3.05
N LEU A 408 -35.80 2.27 -4.25
CA LEU A 408 -36.33 3.18 -5.26
C LEU A 408 -37.42 2.57 -6.14
N GLY A 409 -37.37 1.27 -6.32
CA GLY A 409 -38.31 0.55 -7.17
C GLY A 409 -38.13 0.78 -8.65
N VAL A 410 -36.92 1.16 -9.05
CA VAL A 410 -36.64 1.45 -10.46
C VAL A 410 -35.94 0.37 -11.24
N ALA A 411 -35.70 -0.81 -10.66
CA ALA A 411 -34.85 -1.79 -11.32
C ALA A 411 -35.43 -3.19 -11.27
N VAL A 412 -35.07 -3.94 -12.30
CA VAL A 412 -35.24 -5.39 -12.40
C VAL A 412 -33.87 -6.01 -12.20
N ARG A 413 -33.85 -7.20 -11.62
CA ARG A 413 -32.56 -7.85 -11.43
C ARG A 413 -32.67 -9.36 -11.59
N PRO A 414 -31.58 -10.02 -11.97
CA PRO A 414 -31.62 -11.48 -12.07
C PRO A 414 -31.79 -12.12 -10.71
N GLU A 415 -32.17 -13.41 -10.73
CA GLU A 415 -32.41 -14.15 -9.50
C GLU A 415 -31.17 -14.30 -8.66
N VAL A 416 -30.03 -14.53 -9.32
CA VAL A 416 -28.78 -14.74 -8.61
C VAL A 416 -27.79 -13.68 -9.09
N LEU A 417 -27.00 -13.14 -8.16
CA LEU A 417 -25.99 -12.16 -8.53
C LEU A 417 -25.15 -12.66 -9.69
N PRO A 418 -24.90 -11.84 -10.70
CA PRO A 418 -24.09 -12.29 -11.85
C PRO A 418 -22.68 -12.70 -11.47
N THR A 419 -22.12 -12.13 -10.39
CA THR A 419 -20.81 -12.56 -9.94
C THR A 419 -20.87 -13.93 -9.28
N LYS A 420 -22.04 -14.41 -8.89
CA LYS A 420 -22.13 -15.77 -8.34
C LYS A 420 -22.50 -16.82 -9.37
N ALA A 421 -23.20 -16.45 -10.45
CA ALA A 421 -23.64 -17.42 -11.44
C ALA A 421 -23.86 -16.73 -12.78
N VAL A 422 -23.48 -17.41 -13.87
CA VAL A 422 -23.74 -16.86 -15.20
C VAL A 422 -25.24 -16.67 -15.35
N VAL A 423 -25.63 -15.52 -15.86
CA VAL A 423 -27.04 -15.29 -16.19
C VAL A 423 -27.32 -15.89 -17.56
N SER A 424 -28.34 -16.74 -17.64
CA SER A 424 -28.61 -17.40 -18.90
C SER A 424 -29.28 -16.48 -19.92
N ARG A 425 -29.13 -16.84 -21.20
CA ARG A 425 -29.76 -16.10 -22.26
C ARG A 425 -31.27 -16.01 -22.05
N ASP A 426 -31.88 -17.05 -21.44
CA ASP A 426 -33.33 -17.02 -21.26
C ASP A 426 -33.73 -15.98 -20.22
N GLU A 427 -32.99 -15.91 -19.12
CA GLU A 427 -33.31 -14.93 -18.10
C GLU A 427 -33.06 -13.52 -18.61
N ILE A 428 -32.01 -13.36 -19.42
CA ILE A 428 -31.68 -12.05 -19.97
C ILE A 428 -32.79 -11.60 -20.90
N GLU A 429 -33.21 -12.48 -21.82
CA GLU A 429 -34.29 -12.13 -22.73
C GLU A 429 -35.50 -11.65 -21.94
N LYS A 430 -35.84 -12.38 -20.88
CA LYS A 430 -36.99 -12.06 -20.07
C LYS A 430 -36.84 -10.71 -19.39
N MET A 431 -35.67 -10.45 -18.79
CA MET A 431 -35.44 -9.14 -18.17
C MET A 431 -35.55 -8.02 -19.19
N VAL A 432 -34.96 -8.21 -20.37
CA VAL A 432 -34.96 -7.14 -21.39
C VAL A 432 -36.39 -6.84 -21.84
N ARG A 433 -37.14 -7.88 -22.15
CA ARG A 433 -38.56 -7.72 -22.47
C ARG A 433 -39.33 -7.03 -21.36
N ARG A 434 -39.12 -7.44 -20.10
CA ARG A 434 -39.84 -6.84 -19.00
C ARG A 434 -39.61 -5.33 -18.96
N VAL A 435 -38.36 -4.89 -19.12
CA VAL A 435 -38.07 -3.48 -18.98
C VAL A 435 -38.52 -2.71 -20.22
N ILE A 436 -38.30 -3.23 -21.42
CA ILE A 436 -38.58 -2.41 -22.59
C ILE A 436 -40.03 -2.54 -23.04
N GLU A 437 -40.58 -3.73 -23.07
CA GLU A 437 -41.85 -3.87 -23.77
C GLU A 437 -43.06 -4.05 -22.86
N SER A 438 -42.88 -4.46 -21.62
CA SER A 438 -44.04 -4.88 -20.81
C SER A 438 -44.67 -3.73 -20.01
N LYS A 439 -45.86 -4.00 -19.51
CA LYS A 439 -46.55 -3.04 -18.64
C LYS A 439 -45.78 -2.82 -17.34
N GLU A 440 -45.19 -3.89 -16.78
CA GLU A 440 -44.33 -3.70 -15.62
C GLU A 440 -43.18 -2.72 -15.92
N GLY A 441 -42.61 -2.80 -17.12
CA GLY A 441 -41.55 -1.86 -17.48
C GLY A 441 -42.04 -0.42 -17.53
N LYS A 442 -43.28 -0.21 -18.00
CA LYS A 442 -43.84 1.13 -17.97
C LYS A 442 -44.00 1.62 -16.54
N MET A 443 -44.36 0.73 -15.62
CA MET A 443 -44.48 1.14 -14.22
C MET A 443 -43.13 1.53 -13.63
N LYS A 444 -42.08 0.77 -13.91
CA LYS A 444 -40.77 1.12 -13.37
C LYS A 444 -40.21 2.37 -14.03
N ARG A 445 -40.52 2.62 -15.31
CA ARG A 445 -40.16 3.88 -15.94
C ARG A 445 -40.88 5.03 -15.28
N ASN A 446 -42.18 4.87 -14.95
CA ASN A 446 -42.86 5.94 -14.23
C ASN A 446 -42.25 6.17 -12.85
N ARG A 447 -41.89 5.08 -12.15
CA ARG A 447 -41.22 5.22 -10.85
C ARG A 447 -39.91 5.98 -11.03
N ALA A 448 -39.16 5.63 -12.06
CA ALA A 448 -37.89 6.29 -12.30
C ALA A 448 -38.10 7.77 -12.56
N ARG A 449 -39.21 8.10 -13.25
CA ARG A 449 -39.58 9.42 -13.59
C ARG A 449 -39.85 10.31 -12.29
N SER A 450 -40.53 9.56 -11.33
CA SER A 450 -40.86 10.16 -10.05
C SER A 450 -39.58 10.46 -9.27
N VAL A 451 -38.66 9.52 -9.28
CA VAL A 451 -37.41 9.69 -8.60
C VAL A 451 -36.61 10.81 -9.27
N GLN A 452 -36.59 10.78 -10.60
CA GLN A 452 -35.95 11.84 -11.39
C GLN A 452 -36.44 13.22 -10.98
N SER A 453 -37.74 13.37 -10.79
CA SER A 453 -38.26 14.71 -10.54
C SER A 453 -37.64 15.30 -9.28
N ASP A 454 -37.59 14.53 -8.20
CA ASP A 454 -37.00 15.04 -6.97
C ASP A 454 -35.48 15.21 -7.11
N ALA A 455 -34.83 14.40 -7.94
CA ALA A 455 -33.39 14.56 -8.14
C ALA A 455 -33.08 15.86 -8.87
N LEU A 456 -33.82 16.18 -9.92
CA LEU A 456 -33.57 17.42 -10.64
C LEU A 456 -33.91 18.63 -9.77
N LYS A 457 -34.99 18.53 -8.99
CA LYS A 457 -35.35 19.63 -8.08
C LYS A 457 -34.22 19.95 -7.10
N ALA A 458 -33.50 18.91 -6.65
CA ALA A 458 -32.47 19.12 -5.65
C ALA A 458 -31.34 20.02 -6.17
N ILE A 459 -31.05 19.97 -7.47
CA ILE A 459 -29.93 20.72 -8.01
C ILE A 459 -30.35 21.92 -8.81
N GLU A 460 -31.66 22.11 -9.03
CA GLU A 460 -32.15 23.36 -9.61
C GLU A 460 -32.09 24.47 -8.56
N LYS A 461 -32.13 25.73 -9.03
CA LYS A 461 -32.19 26.87 -8.11
C LYS A 461 -33.19 26.59 -6.99
N GLY A 462 -32.78 26.88 -5.77
CA GLY A 462 -33.62 26.66 -4.61
C GLY A 462 -33.72 25.26 -4.12
N GLY A 463 -33.09 24.29 -4.81
CA GLY A 463 -33.10 22.93 -4.31
C GLY A 463 -32.14 22.73 -3.17
N SER A 464 -32.33 21.61 -2.46
CA SER A 464 -31.56 21.33 -1.27
C SER A 464 -30.08 21.22 -1.59
N SER A 465 -29.73 20.54 -2.70
CA SER A 465 -28.33 20.36 -3.06
C SER A 465 -27.71 21.63 -3.62
N TYR A 466 -28.49 22.35 -4.43
CA TYR A 466 -28.06 23.65 -4.92
C TYR A 466 -27.69 24.59 -3.78
N ASN A 467 -28.53 24.65 -2.76
CA ASN A 467 -28.25 25.53 -1.63
C ASN A 467 -27.07 25.01 -0.82
N THR A 468 -26.97 23.69 -0.66
CA THR A 468 -25.85 23.13 0.06
C THR A 468 -24.54 23.37 -0.68
N LEU A 469 -24.56 23.35 -2.02
CA LEU A 469 -23.33 23.66 -2.76
C LEU A 469 -22.95 25.13 -2.61
N ILE A 470 -23.95 26.02 -2.60
CA ILE A 470 -23.68 27.42 -2.32
C ILE A 470 -23.04 27.55 -0.95
N GLU A 471 -23.59 26.85 0.06
CA GLU A 471 -23.04 26.93 1.40
C GLU A 471 -21.56 26.53 1.42
N VAL A 472 -21.24 25.42 0.75
CA VAL A 472 -19.85 24.94 0.66
C VAL A 472 -18.98 25.97 -0.03
N ALA A 473 -19.46 26.49 -1.16
CA ALA A 473 -18.69 27.48 -1.91
C ALA A 473 -18.43 28.73 -1.08
N LYS A 474 -19.33 29.07 -0.16
CA LYS A 474 -19.09 30.20 0.73
C LYS A 474 -18.01 29.87 1.76
N GLU A 475 -17.90 28.60 2.17
CA GLU A 475 -16.79 28.22 3.02
C GLU A 475 -15.44 28.39 2.30
N PHE A 476 -15.38 28.06 1.01
CA PHE A 476 -14.14 28.31 0.29
C PHE A 476 -13.87 29.82 0.19
N GLU A 477 -14.91 30.59 -0.06
CA GLU A 477 -14.79 32.04 -0.15
C GLU A 477 -14.32 32.64 1.17
N LYS A 478 -14.83 32.13 2.28
CA LYS A 478 -14.38 32.60 3.59
C LYS A 478 -12.96 32.14 3.89
N ASN A 479 -12.60 30.93 3.45
CA ASN A 479 -11.22 30.47 3.60
C ASN A 479 -10.25 31.50 3.04
N HIS A 480 -10.58 32.06 1.87
CA HIS A 480 -9.83 33.17 1.29
C HIS A 480 -9.84 34.38 2.21
N LYS A 481 -10.97 34.63 2.88
CA LYS A 481 -11.15 35.76 3.79
C LYS A 481 -9.93 36.02 4.66
N SER B 10 -3.75 -23.80 29.47
CA SER B 10 -2.36 -24.23 29.61
C SER B 10 -1.49 -23.91 28.38
N LYS B 11 -1.13 -22.65 28.18
CA LYS B 11 -0.48 -22.24 26.92
C LYS B 11 0.98 -22.70 26.88
N PRO B 12 1.41 -23.32 25.79
CA PRO B 12 2.85 -23.62 25.64
C PRO B 12 3.72 -22.37 25.79
N HIS B 13 4.90 -22.55 26.36
CA HIS B 13 5.80 -21.43 26.57
C HIS B 13 6.93 -21.50 25.55
N VAL B 14 7.17 -20.40 24.86
CA VAL B 14 8.25 -20.31 23.88
C VAL B 14 9.28 -19.31 24.41
N PHE B 15 10.52 -19.73 24.43
CA PHE B 15 11.62 -18.89 24.82
C PHE B 15 12.35 -18.45 23.56
N LEU B 16 12.70 -17.17 23.50
CA LEU B 16 13.60 -16.66 22.46
C LEU B 16 14.81 -16.04 23.12
N LEU B 17 15.93 -16.07 22.39
CA LEU B 17 17.20 -15.60 22.91
C LEU B 17 17.86 -14.75 21.84
N ALA B 18 18.09 -13.49 22.13
CA ALA B 18 18.76 -12.57 21.19
C ALA B 18 20.12 -12.19 21.75
N SER B 19 21.16 -12.41 20.96
CA SER B 19 22.50 -12.01 21.32
C SER B 19 22.71 -10.53 21.05
N PRO B 20 23.83 -9.96 21.49
CA PRO B 20 23.96 -8.51 21.47
C PRO B 20 23.82 -7.89 20.08
N GLY B 21 23.30 -6.67 20.07
CA GLY B 21 23.18 -5.90 18.85
C GLY B 21 21.75 -5.52 18.57
N MET B 22 21.50 -4.26 18.16
CA MET B 22 20.16 -3.85 17.78
C MET B 22 19.61 -4.67 16.62
N GLY B 23 20.48 -5.13 15.70
CA GLY B 23 20.09 -5.95 14.59
C GLY B 23 19.59 -7.33 14.97
N HIS B 24 19.80 -7.76 16.21
CA HIS B 24 19.18 -8.97 16.74
C HIS B 24 18.00 -8.66 17.62
N LEU B 25 18.14 -7.69 18.52
CA LEU B 25 17.04 -7.35 19.42
C LEU B 25 15.79 -6.95 18.65
N ILE B 26 15.90 -6.05 17.66
CA ILE B 26 14.70 -5.51 17.02
C ILE B 26 13.89 -6.58 16.28
N PRO B 27 14.45 -7.37 15.38
CA PRO B 27 13.63 -8.45 14.77
C PRO B 27 13.13 -9.49 15.78
N PHE B 28 13.92 -9.80 16.83
CA PHE B 28 13.42 -10.73 17.87
C PHE B 28 12.25 -10.16 18.64
N LEU B 29 12.28 -8.87 18.96
CA LEU B 29 11.12 -8.23 19.59
C LEU B 29 9.89 -8.33 18.68
N GLU B 30 10.05 -8.02 17.40
CA GLU B 30 8.90 -8.07 16.50
C GLU B 30 8.36 -9.49 16.38
N LEU B 31 9.26 -10.47 16.20
CA LEU B 31 8.81 -11.85 16.12
C LEU B 31 8.06 -12.25 17.39
N SER B 32 8.62 -11.91 18.56
CA SER B 32 7.97 -12.23 19.83
C SER B 32 6.57 -11.68 19.88
N LYS B 33 6.40 -10.41 19.46
CA LYS B 33 5.07 -9.79 19.46
C LYS B 33 4.11 -10.50 18.51
N ARG B 34 4.58 -10.90 17.32
CA ARG B 34 3.71 -11.57 16.37
C ARG B 34 3.29 -12.95 16.89
N LEU B 35 4.21 -13.67 17.54
CA LEU B 35 3.88 -14.96 18.13
C LEU B 35 2.84 -14.82 19.23
N VAL B 36 3.03 -13.84 20.11
CA VAL B 36 2.13 -13.71 21.26
C VAL B 36 0.75 -13.27 20.81
N THR B 37 0.69 -12.45 19.75
CA THR B 37 -0.61 -11.96 19.31
C THR B 37 -1.46 -13.05 18.68
N LEU B 38 -0.88 -14.23 18.41
CA LEU B 38 -1.67 -15.38 18.02
C LEU B 38 -2.54 -15.91 19.16
N ASN B 39 -2.28 -15.50 20.41
CA ASN B 39 -3.07 -15.83 21.58
C ASN B 39 -3.08 -17.31 21.92
N THR B 40 -2.11 -18.08 21.42
CA THR B 40 -1.96 -19.48 21.81
C THR B 40 -0.66 -19.78 22.54
N LEU B 41 0.19 -18.77 22.78
CA LEU B 41 1.52 -19.02 23.28
C LEU B 41 1.91 -18.04 24.34
N GLN B 42 2.65 -18.54 25.33
CA GLN B 42 3.33 -17.72 26.31
C GLN B 42 4.72 -17.48 25.74
N VAL B 43 5.19 -16.24 25.74
CA VAL B 43 6.44 -15.90 25.05
C VAL B 43 7.33 -15.14 26.01
N THR B 44 8.60 -15.56 26.11
CA THR B 44 9.59 -14.84 26.89
C THR B 44 10.78 -14.62 25.99
N LEU B 45 11.18 -13.37 25.86
CA LEU B 45 12.34 -13.00 25.07
C LEU B 45 13.48 -12.66 26.04
N PHE B 46 14.55 -13.43 25.95
CA PHE B 46 15.76 -13.15 26.69
C PHE B 46 16.69 -12.33 25.80
N ILE B 47 17.20 -11.22 26.35
CA ILE B 47 18.00 -10.25 25.62
C ILE B 47 19.37 -10.20 26.24
N VAL B 48 20.39 -10.35 25.41
CA VAL B 48 21.79 -10.22 25.79
C VAL B 48 22.31 -8.96 25.11
N SER B 49 22.90 -8.04 25.89
CA SER B 49 23.38 -6.78 25.33
C SER B 49 24.84 -6.55 25.72
N ASN B 50 25.49 -5.73 24.89
CA ASN B 50 26.87 -5.32 25.12
C ASN B 50 26.96 -4.06 25.95
N GLU B 51 25.85 -3.33 26.09
CA GLU B 51 25.89 -2.05 26.80
C GLU B 51 24.47 -1.57 27.06
N ALA B 52 24.38 -0.60 27.94
CA ALA B 52 23.11 0.04 28.28
C ALA B 52 22.96 1.34 27.50
N THR B 53 21.85 1.49 26.81
CA THR B 53 21.61 2.70 26.03
C THR B 53 20.18 3.14 26.24
N LYS B 54 19.95 4.44 26.10
CA LYS B 54 18.58 4.93 26.15
C LYS B 54 17.72 4.29 25.04
N ALA B 55 18.30 4.09 23.86
CA ALA B 55 17.55 3.48 22.76
C ALA B 55 17.08 2.10 23.17
N ARG B 56 17.98 1.34 23.77
CA ARG B 56 17.62 -0.02 24.16
C ARG B 56 16.55 0.00 25.25
N SER B 57 16.74 0.85 26.25
CA SER B 57 15.75 0.93 27.31
C SER B 57 14.39 1.32 26.75
N HIS B 58 14.36 2.19 25.76
CA HIS B 58 13.08 2.62 25.23
C HIS B 58 12.39 1.49 24.47
N LEU B 59 13.14 0.71 23.69
CA LEU B 59 12.54 -0.41 22.97
C LEU B 59 12.00 -1.45 23.94
N MET B 60 12.78 -1.76 24.98
CA MET B 60 12.38 -2.78 25.93
C MET B 60 11.16 -2.34 26.73
N GLU B 61 11.13 -1.08 27.15
CA GLU B 61 10.00 -0.58 27.93
C GLU B 61 8.72 -0.59 27.10
N SER B 62 8.78 -0.14 25.85
CA SER B 62 7.60 -0.22 25.00
C SER B 62 7.09 -1.64 24.95
N SER B 63 8.00 -2.61 24.81
CA SER B 63 7.62 -3.99 24.53
C SER B 63 7.23 -4.77 25.77
N ASN B 64 7.76 -4.45 26.95
CA ASN B 64 7.41 -5.22 28.15
C ASN B 64 5.94 -5.02 28.59
N ASN B 65 5.25 -4.03 28.02
CA ASN B 65 3.85 -3.74 28.31
C ASN B 65 2.89 -4.15 27.18
N PHE B 66 3.37 -4.84 26.15
CA PHE B 66 2.61 -5.05 24.92
C PHE B 66 1.48 -6.05 25.08
N HIS B 67 1.69 -7.09 25.89
CA HIS B 67 0.72 -8.19 25.94
C HIS B 67 0.96 -8.93 27.24
N PRO B 68 -0.08 -9.41 27.90
CA PRO B 68 0.11 -10.06 29.22
C PRO B 68 0.96 -11.31 29.20
N ASP B 69 0.96 -12.05 28.09
CA ASP B 69 1.70 -13.30 27.95
C ASP B 69 3.03 -13.10 27.24
N LEU B 70 3.51 -11.87 27.10
CA LEU B 70 4.86 -11.65 26.60
C LEU B 70 5.69 -10.93 27.66
N GLU B 71 6.86 -11.51 27.97
CA GLU B 71 7.78 -10.96 28.95
C GLU B 71 9.14 -10.83 28.30
N LEU B 72 9.83 -9.75 28.64
CA LEU B 72 11.21 -9.52 28.26
C LEU B 72 12.08 -9.69 29.49
N VAL B 73 13.20 -10.37 29.32
CA VAL B 73 14.16 -10.61 30.38
C VAL B 73 15.53 -10.18 29.90
N ASP B 74 16.19 -9.33 30.69
CA ASP B 74 17.54 -8.88 30.41
C ASP B 74 18.51 -9.92 30.95
N LEU B 75 19.16 -10.66 30.07
CA LEU B 75 20.17 -11.64 30.44
C LEU B 75 21.57 -11.09 30.41
N THR B 76 21.72 -9.78 30.30
CA THR B 76 23.07 -9.25 30.16
C THR B 76 23.87 -9.62 31.41
N PRO B 77 25.07 -10.15 31.26
CA PRO B 77 25.83 -10.60 32.43
C PRO B 77 26.05 -9.48 33.46
N ALA B 78 25.86 -9.83 34.74
CA ALA B 78 26.30 -8.97 35.82
C ALA B 78 27.82 -8.83 35.84
N ASN B 79 28.53 -9.77 35.21
CA ASN B 79 29.98 -9.71 35.06
C ASN B 79 30.42 -8.83 33.91
N LEU B 80 29.50 -8.06 33.32
CA LEU B 80 29.69 -7.51 32.00
C LEU B 80 30.92 -6.62 31.90
N SER B 81 31.19 -5.83 32.93
CA SER B 81 32.31 -4.90 32.86
C SER B 81 33.64 -5.64 32.74
N GLU B 82 33.80 -6.71 33.49
CA GLU B 82 35.01 -7.52 33.46
C GLU B 82 35.21 -8.18 32.12
N LEU B 83 34.12 -8.70 31.56
CA LEU B 83 34.18 -9.42 30.31
C LEU B 83 34.66 -8.48 29.20
N LEU B 84 34.16 -7.25 29.22
CA LEU B 84 34.62 -6.21 28.31
C LEU B 84 36.08 -5.85 28.57
N SER B 85 36.47 -5.85 29.84
CA SER B 85 37.81 -5.44 30.25
C SER B 85 38.87 -6.35 29.65
N THR B 86 38.55 -7.64 29.54
CA THR B 86 39.52 -8.66 29.20
C THR B 86 40.12 -8.38 27.85
N ASP B 87 41.40 -8.75 27.69
CA ASP B 87 42.14 -8.36 26.50
C ASP B 87 41.83 -9.35 25.40
N ALA B 88 40.85 -8.98 24.58
CA ALA B 88 40.42 -9.81 23.48
C ALA B 88 39.75 -8.96 22.42
N THR B 89 39.62 -9.53 21.24
CA THR B 89 39.01 -8.84 20.12
C THR B 89 37.57 -8.60 20.52
N VAL B 90 36.94 -7.60 19.93
CA VAL B 90 35.56 -7.28 20.27
C VAL B 90 34.70 -8.48 19.95
N PHE B 91 35.01 -9.15 18.84
CA PHE B 91 34.25 -10.30 18.38
C PHE B 91 34.28 -11.42 19.41
N LYS B 92 35.45 -11.70 19.98
CA LYS B 92 35.60 -12.69 21.04
C LYS B 92 34.84 -12.31 22.30
N ARG B 93 34.90 -11.02 22.62
CA ARG B 93 34.28 -10.50 23.84
C ARG B 93 32.76 -10.63 23.73
N ILE B 94 32.24 -10.43 22.53
CA ILE B 94 30.83 -10.66 22.27
C ILE B 94 30.45 -12.09 22.59
N PHE B 95 31.24 -13.04 22.05
CA PHE B 95 30.98 -14.45 22.32
C PHE B 95 30.99 -14.72 23.82
N LEU B 96 31.95 -14.13 24.55
CA LEU B 96 32.03 -14.41 25.96
C LEU B 96 30.77 -13.95 26.70
N ILE B 97 30.26 -12.77 26.34
CA ILE B 97 29.03 -12.26 26.93
C ILE B 97 27.87 -13.21 26.62
N THR B 98 27.72 -13.58 25.34
CA THR B 98 26.60 -14.47 24.97
C THR B 98 26.74 -15.82 25.66
N GLN B 99 27.94 -16.36 25.71
CA GLN B 99 28.15 -17.65 26.35
C GLN B 99 27.85 -17.59 27.84
N ALA B 100 28.22 -16.49 28.51
CA ALA B 100 27.83 -16.34 29.92
C ALA B 100 26.31 -16.26 30.03
N ALA B 101 25.67 -15.50 29.14
CA ALA B 101 24.23 -15.40 29.17
C ALA B 101 23.57 -16.77 29.01
N ILE B 102 24.11 -17.62 28.14
CA ILE B 102 23.51 -18.93 27.87
C ILE B 102 23.64 -19.82 29.10
N LYS B 103 24.76 -19.73 29.83
CA LYS B 103 24.85 -20.44 31.10
C LYS B 103 23.81 -19.97 32.11
N ASP B 104 23.56 -18.66 32.16
CA ASP B 104 22.48 -18.12 32.97
C ASP B 104 21.12 -18.67 32.54
N LEU B 105 20.83 -18.65 31.25
CA LEU B 105 19.57 -19.22 30.78
C LEU B 105 19.42 -20.69 31.18
N GLU B 106 20.51 -21.46 31.04
CA GLU B 106 20.46 -22.87 31.41
C GLU B 106 20.10 -23.03 32.88
N SER B 107 20.72 -22.23 33.74
CA SER B 107 20.44 -22.30 35.17
C SER B 107 18.98 -21.94 35.44
N ARG B 108 18.46 -20.93 34.73
CA ARG B 108 17.05 -20.58 34.86
C ARG B 108 16.12 -21.70 34.43
N ILE B 109 16.40 -22.34 33.31
CA ILE B 109 15.55 -23.43 32.89
C ILE B 109 15.61 -24.56 33.89
N SER B 110 16.80 -24.86 34.44
CA SER B 110 16.91 -25.98 35.35
C SER B 110 16.01 -25.79 36.58
N SER B 111 15.70 -24.55 36.91
CA SER B 111 14.82 -24.30 38.08
C SER B 111 13.32 -24.39 37.75
N MET B 112 12.96 -24.52 36.46
CA MET B 112 11.56 -24.58 36.06
C MET B 112 11.01 -25.97 36.30
N SER B 113 9.72 -26.05 36.62
CA SER B 113 9.13 -27.37 36.77
C SER B 113 8.86 -28.05 35.44
N THR B 114 8.58 -27.27 34.40
CA THR B 114 8.40 -27.82 33.07
C THR B 114 9.20 -26.95 32.11
N PRO B 115 10.05 -27.54 31.28
CA PRO B 115 10.81 -26.72 30.32
C PRO B 115 9.89 -26.10 29.29
N PRO B 116 10.35 -25.04 28.63
CA PRO B 116 9.58 -24.43 27.54
C PRO B 116 9.36 -25.41 26.40
N ALA B 117 8.34 -25.12 25.59
CA ALA B 117 8.01 -25.98 24.45
C ALA B 117 8.96 -25.78 23.29
N ALA B 118 9.61 -24.63 23.21
CA ALA B 118 10.57 -24.37 22.14
C ALA B 118 11.55 -23.30 22.61
N LEU B 119 12.77 -23.38 22.08
CA LEU B 119 13.74 -22.33 22.22
C LEU B 119 14.16 -21.86 20.83
N ILE B 120 14.07 -20.55 20.61
CA ILE B 120 14.38 -19.93 19.32
C ILE B 120 15.55 -18.98 19.55
N VAL B 121 16.69 -19.28 18.94
CA VAL B 121 17.90 -18.52 19.14
C VAL B 121 18.34 -17.91 17.82
N ASP B 122 19.24 -16.93 17.89
CA ASP B 122 19.79 -16.36 16.66
C ASP B 122 21.06 -17.10 16.26
N VAL B 123 21.59 -16.74 15.08
CA VAL B 123 22.70 -17.49 14.51
C VAL B 123 23.97 -17.41 15.34
N PHE B 124 24.05 -16.46 16.30
CA PHE B 124 25.20 -16.36 17.19
C PHE B 124 25.00 -17.07 18.51
N SER B 125 23.84 -17.71 18.73
CA SER B 125 23.51 -18.21 20.07
C SER B 125 23.31 -19.71 20.06
N MET B 126 23.86 -20.41 19.08
CA MET B 126 23.63 -21.85 18.98
C MET B 126 24.44 -22.64 20.00
N ASP B 127 25.28 -22.00 20.82
CA ASP B 127 25.77 -22.68 22.01
C ASP B 127 24.64 -22.99 22.99
N ALA B 128 23.41 -22.47 22.76
CA ALA B 128 22.24 -22.87 23.53
C ALA B 128 21.66 -24.22 23.08
N PHE B 129 22.08 -24.75 21.92
CA PHE B 129 21.54 -26.04 21.47
C PHE B 129 21.74 -27.15 22.50
N PRO B 130 22.95 -27.34 23.08
CA PRO B 130 23.08 -28.39 24.11
C PRO B 130 22.21 -28.12 25.32
N VAL B 131 21.91 -26.85 25.62
CA VAL B 131 21.00 -26.56 26.71
C VAL B 131 19.61 -27.08 26.38
N ALA B 132 19.14 -26.79 25.16
CA ALA B 132 17.86 -27.35 24.73
C ALA B 132 17.90 -28.87 24.80
N ASP B 133 19.01 -29.48 24.35
CA ASP B 133 19.15 -30.94 24.38
C ASP B 133 19.02 -31.49 25.80
N ARG B 134 19.67 -30.84 26.76
CA ARG B 134 19.66 -31.31 28.14
C ARG B 134 18.23 -31.45 28.66
N PHE B 135 17.38 -30.51 28.30
CA PHE B 135 16.03 -30.45 28.84
C PHE B 135 15.00 -30.96 27.88
N GLY B 136 15.43 -31.51 26.73
CA GLY B 136 14.49 -32.03 25.75
C GLY B 136 13.63 -31.00 25.05
N ILE B 137 14.17 -29.81 24.80
CA ILE B 137 13.45 -28.70 24.20
C ILE B 137 13.80 -28.68 22.71
N LYS B 138 12.78 -28.64 21.85
CA LYS B 138 13.03 -28.43 20.43
C LYS B 138 13.76 -27.11 20.23
N LYS B 139 14.75 -27.09 19.33
CA LYS B 139 15.59 -25.91 19.14
C LYS B 139 15.43 -25.39 17.71
N TYR B 140 15.24 -24.08 17.62
CA TYR B 140 15.00 -23.39 16.36
C TYR B 140 15.95 -22.20 16.28
N VAL B 141 16.31 -21.85 15.07
CA VAL B 141 17.08 -20.63 14.80
C VAL B 141 16.21 -19.70 14.00
N PHE B 142 16.10 -18.45 14.45
CA PHE B 142 15.48 -17.37 13.69
C PHE B 142 16.64 -16.70 12.97
N VAL B 143 16.77 -17.04 11.69
CA VAL B 143 17.84 -16.54 10.82
C VAL B 143 17.39 -15.16 10.35
N THR B 144 17.96 -14.12 10.96
CA THR B 144 17.60 -12.73 10.71
C THR B 144 18.25 -12.15 9.47
N LEU B 145 18.44 -13.02 8.49
CA LEU B 145 19.14 -12.75 7.23
C LEU B 145 18.32 -13.37 6.09
N ASN B 146 18.75 -13.13 4.85
CA ASN B 146 17.93 -13.56 3.73
C ASN B 146 18.31 -14.97 3.25
N ALA B 147 17.50 -15.49 2.31
CA ALA B 147 17.69 -16.86 1.90
C ALA B 147 18.97 -17.03 1.07
N TRP B 148 19.36 -15.98 0.34
CA TRP B 148 20.63 -16.05 -0.38
C TRP B 148 21.77 -16.27 0.59
N PHE B 149 21.78 -15.54 1.71
CA PHE B 149 22.75 -15.76 2.76
C PHE B 149 22.69 -17.19 3.32
N LEU B 150 21.49 -17.73 3.52
CA LEU B 150 21.38 -19.10 4.01
C LEU B 150 21.93 -20.12 3.00
N ALA B 151 21.71 -19.88 1.70
CA ALA B 151 22.24 -20.77 0.67
C ALA B 151 23.76 -20.76 0.64
N LEU B 152 24.36 -19.56 0.66
CA LEU B 152 25.81 -19.47 0.78
C LEU B 152 26.32 -20.25 2.00
N THR B 153 25.69 -20.00 3.14
CA THR B 153 26.06 -20.65 4.39
C THR B 153 25.91 -22.15 4.32
N THR B 154 24.82 -22.62 3.68
CA THR B 154 24.64 -24.05 3.46
C THR B 154 25.82 -24.62 2.71
N TYR B 155 26.30 -23.92 1.71
CA TYR B 155 27.30 -24.45 0.81
C TYR B 155 28.73 -24.11 1.19
N VAL B 156 28.96 -23.27 2.23
CA VAL B 156 30.31 -22.72 2.36
C VAL B 156 31.31 -23.80 2.74
N ARG B 157 30.87 -24.85 3.45
CA ARG B 157 31.84 -25.90 3.81
C ARG B 157 32.28 -26.68 2.57
N THR B 158 31.41 -26.78 1.55
CA THR B 158 31.82 -27.37 0.27
C THR B 158 32.76 -26.43 -0.49
N LEU B 159 32.45 -25.14 -0.50
CA LEU B 159 33.34 -24.18 -1.12
C LEU B 159 34.72 -24.25 -0.49
N ASP B 160 34.76 -24.45 0.85
CA ASP B 160 36.03 -24.51 1.55
C ASP B 160 36.90 -25.63 1.00
N ARG B 161 36.26 -26.75 0.64
CA ARG B 161 36.95 -27.90 0.05
C ARG B 161 37.24 -27.67 -1.43
N GLU B 162 36.31 -27.05 -2.17
CA GLU B 162 36.45 -26.97 -3.62
C GLU B 162 37.31 -25.81 -4.11
N ILE B 163 37.49 -24.76 -3.32
CA ILE B 163 38.22 -23.59 -3.78
C ILE B 163 39.64 -23.67 -3.23
N GLU B 164 40.63 -23.60 -4.14
CA GLU B 164 42.03 -23.67 -3.79
C GLU B 164 42.59 -22.25 -3.77
N GLY B 165 42.56 -21.63 -2.60
CA GLY B 165 43.02 -20.26 -2.40
C GLY B 165 41.92 -19.36 -1.85
N GLU B 166 42.21 -18.06 -1.86
CA GLU B 166 41.30 -17.07 -1.32
C GLU B 166 40.11 -16.81 -2.22
N TYR B 167 38.89 -16.77 -1.62
CA TYR B 167 37.72 -16.39 -2.37
C TYR B 167 37.89 -15.02 -3.03
N VAL B 168 38.53 -14.06 -2.35
CA VAL B 168 38.61 -12.72 -2.92
C VAL B 168 39.51 -12.64 -4.16
N ASP B 169 40.30 -13.68 -4.41
CA ASP B 169 41.17 -13.75 -5.57
C ASP B 169 40.52 -14.48 -6.75
N LEU B 170 39.29 -14.95 -6.58
CA LEU B 170 38.63 -15.63 -7.69
C LEU B 170 38.44 -14.71 -8.88
N PRO B 171 38.65 -15.22 -10.10
CA PRO B 171 38.49 -14.40 -11.32
C PRO B 171 37.07 -14.39 -11.87
N GLU B 172 36.15 -15.06 -11.19
CA GLU B 172 34.76 -15.06 -11.62
C GLU B 172 33.90 -15.29 -10.40
N PRO B 173 32.58 -15.10 -10.53
CA PRO B 173 31.70 -15.26 -9.36
C PRO B 173 31.71 -16.68 -8.82
N ILE B 174 31.32 -16.77 -7.54
CA ILE B 174 31.20 -18.03 -6.81
C ILE B 174 29.86 -18.67 -7.18
N ALA B 175 29.91 -19.91 -7.67
CA ALA B 175 28.67 -20.61 -7.98
C ALA B 175 28.09 -21.20 -6.69
N ILE B 176 26.80 -20.93 -6.46
CA ILE B 176 26.05 -21.49 -5.34
C ILE B 176 24.92 -22.31 -5.97
N PRO B 177 24.91 -23.64 -5.84
CA PRO B 177 23.94 -24.45 -6.61
C PRO B 177 22.52 -23.94 -6.55
N GLY B 178 21.96 -23.73 -7.75
CA GLY B 178 20.59 -23.28 -7.93
C GLY B 178 20.35 -21.81 -7.67
N CYS B 179 21.40 -21.04 -7.38
CA CYS B 179 21.21 -19.69 -6.89
C CYS B 179 21.99 -18.68 -7.72
N LYS B 180 21.65 -17.41 -7.51
CA LYS B 180 22.44 -16.32 -8.04
C LYS B 180 23.89 -16.49 -7.63
N PRO B 181 24.84 -16.41 -8.57
CA PRO B 181 26.26 -16.49 -8.20
C PRO B 181 26.71 -15.26 -7.42
N LEU B 182 27.73 -15.44 -6.61
CA LEU B 182 28.17 -14.39 -5.72
C LEU B 182 29.51 -13.81 -6.14
N ARG B 183 29.56 -12.52 -6.38
CA ARG B 183 30.83 -11.88 -6.74
C ARG B 183 31.85 -11.97 -5.60
N PRO B 184 33.13 -12.17 -5.90
CA PRO B 184 34.13 -12.26 -4.83
C PRO B 184 34.11 -11.02 -3.93
N GLU B 185 33.84 -9.88 -4.52
CA GLU B 185 33.85 -8.61 -3.81
C GLU B 185 32.68 -8.48 -2.83
N ASP B 186 31.63 -9.26 -3.05
CA ASP B 186 30.43 -9.27 -2.23
C ASP B 186 30.37 -10.31 -1.10
N VAL B 187 31.42 -11.08 -0.93
CA VAL B 187 31.39 -12.16 0.03
C VAL B 187 31.17 -11.65 1.46
N PHE B 188 30.46 -12.44 2.24
CA PHE B 188 30.30 -12.26 3.67
C PHE B 188 31.65 -12.03 4.32
N ASP B 189 31.71 -11.03 5.21
CA ASP B 189 33.01 -10.58 5.78
C ASP B 189 33.98 -11.67 6.20
N PRO B 190 33.57 -12.74 6.87
CA PRO B 190 34.54 -13.78 7.27
C PRO B 190 35.31 -14.36 6.10
N MET B 191 34.71 -14.37 4.92
CA MET B 191 35.32 -14.94 3.74
C MET B 191 36.29 -14.00 3.07
N LEU B 192 36.42 -12.76 3.57
CA LEU B 192 37.39 -11.83 2.99
C LEU B 192 38.83 -12.34 3.14
N SER B 193 39.09 -13.19 4.13
CA SER B 193 40.36 -13.87 4.22
C SER B 193 40.14 -15.20 4.91
N ARG B 194 40.66 -16.30 4.34
CA ARG B 194 40.50 -17.58 5.02
C ARG B 194 41.34 -17.66 6.29
N SER B 195 42.19 -16.67 6.54
CA SER B 195 42.89 -16.56 7.82
C SER B 195 42.22 -15.61 8.80
N SER B 196 41.06 -15.05 8.46
CA SER B 196 40.43 -14.11 9.38
C SER B 196 39.95 -14.84 10.63
N ASP B 197 39.72 -14.08 11.70
CA ASP B 197 39.23 -14.67 12.93
C ASP B 197 37.86 -15.28 12.75
N GLY B 198 37.06 -14.72 11.85
CA GLY B 198 35.70 -15.19 11.68
C GLY B 198 35.50 -16.33 10.74
N TYR B 199 36.52 -16.71 9.96
CA TYR B 199 36.29 -17.68 8.90
C TYR B 199 35.99 -19.05 9.47
N ARG B 200 36.85 -19.55 10.33
CA ARG B 200 36.57 -20.83 10.97
C ARG B 200 35.26 -20.82 11.75
N PRO B 201 34.97 -19.81 12.56
CA PRO B 201 33.67 -19.77 13.24
C PRO B 201 32.50 -19.76 12.29
N TYR B 202 32.64 -19.14 11.11
CA TYR B 202 31.56 -19.17 10.12
C TYR B 202 31.33 -20.60 9.62
N LEU B 203 32.41 -21.35 9.32
CA LEU B 203 32.24 -22.75 8.92
C LEU B 203 31.53 -23.55 10.02
N GLY B 204 31.86 -23.26 11.28
CA GLY B 204 31.17 -23.93 12.38
C GLY B 204 29.69 -23.63 12.43
N MET B 205 29.33 -22.34 12.35
CA MET B 205 27.93 -21.93 12.30
C MET B 205 27.21 -22.66 11.18
N SER B 206 27.81 -22.69 9.99
CA SER B 206 27.24 -23.38 8.83
C SER B 206 26.81 -24.80 9.20
N GLU B 207 27.68 -25.52 9.91
CA GLU B 207 27.41 -26.91 10.26
C GLU B 207 26.38 -27.02 11.37
N ARG B 208 26.46 -26.14 12.38
CA ARG B 208 25.57 -26.28 13.51
C ARG B 208 24.13 -25.93 13.13
N LEU B 209 23.95 -25.01 12.15
CA LEU B 209 22.62 -24.71 11.66
C LEU B 209 21.90 -25.95 11.21
N THR B 210 22.64 -26.93 10.64
CA THR B 210 21.97 -28.13 10.15
C THR B 210 21.37 -28.95 11.28
N LYS B 211 21.72 -28.66 12.53
CA LYS B 211 21.23 -29.44 13.65
C LYS B 211 19.93 -28.90 14.24
N ALA B 212 19.44 -27.74 13.81
CA ALA B 212 18.20 -27.20 14.35
C ALA B 212 17.02 -28.09 14.01
N ASP B 213 15.99 -28.04 14.86
CA ASP B 213 14.71 -28.67 14.53
C ASP B 213 13.93 -27.87 13.50
N GLY B 214 14.24 -26.58 13.36
CA GLY B 214 13.62 -25.76 12.33
C GLY B 214 14.32 -24.43 12.23
N LEU B 215 14.20 -23.82 11.06
CA LEU B 215 14.76 -22.51 10.81
C LEU B 215 13.68 -21.54 10.36
N LEU B 216 13.51 -20.45 11.10
CA LEU B 216 12.62 -19.40 10.73
C LEU B 216 13.52 -18.42 10.00
N LEU B 217 13.09 -17.96 8.83
CA LEU B 217 13.87 -17.12 7.95
C LEU B 217 13.21 -15.77 7.70
N ASN B 218 13.99 -14.69 7.78
CA ASN B 218 13.44 -13.37 7.58
C ASN B 218 13.43 -12.98 6.10
N THR B 219 12.67 -13.75 5.34
CA THR B 219 12.38 -13.52 3.96
C THR B 219 10.99 -14.09 3.66
N TRP B 220 10.53 -13.91 2.43
CA TRP B 220 9.25 -14.39 2.01
C TRP B 220 9.25 -14.98 0.61
N GLU B 221 8.25 -15.79 0.33
CA GLU B 221 8.21 -16.57 -0.91
C GLU B 221 8.39 -15.67 -2.13
N ALA B 222 7.75 -14.51 -2.13
CA ALA B 222 7.78 -13.63 -3.29
C ALA B 222 9.10 -12.91 -3.45
N LEU B 223 9.87 -12.77 -2.37
CA LEU B 223 11.12 -12.02 -2.43
C LEU B 223 12.25 -12.82 -3.03
N GLU B 224 12.37 -14.11 -2.66
CA GLU B 224 13.52 -14.91 -3.08
C GLU B 224 13.08 -16.29 -3.54
N PRO B 225 12.26 -16.36 -4.59
CA PRO B 225 11.78 -17.68 -5.06
C PRO B 225 12.89 -18.60 -5.52
N VAL B 226 13.93 -18.05 -6.14
CA VAL B 226 14.98 -18.90 -6.67
C VAL B 226 15.82 -19.51 -5.55
N SER B 227 16.22 -18.68 -4.57
CA SER B 227 17.02 -19.20 -3.48
C SER B 227 16.21 -20.15 -2.60
N LEU B 228 14.95 -19.83 -2.33
CA LEU B 228 14.14 -20.73 -1.52
C LEU B 228 13.89 -22.06 -2.24
N LYS B 229 13.66 -22.03 -3.56
CA LYS B 229 13.52 -23.27 -4.30
C LYS B 229 14.80 -24.07 -4.27
N ALA B 230 15.96 -23.41 -4.43
CA ALA B 230 17.24 -24.10 -4.33
C ALA B 230 17.42 -24.76 -2.96
N LEU B 231 17.16 -24.02 -1.88
CA LEU B 231 17.27 -24.60 -0.55
C LEU B 231 16.36 -25.80 -0.39
N ARG B 232 15.14 -25.72 -0.93
CA ARG B 232 14.20 -26.83 -0.78
C ARG B 232 14.49 -27.97 -1.75
N GLU B 233 14.97 -27.70 -2.96
CA GLU B 233 14.92 -28.69 -4.03
C GLU B 233 16.27 -29.04 -4.64
N ASN B 234 17.28 -28.20 -4.50
CA ASN B 234 18.55 -28.54 -5.10
C ASN B 234 19.26 -29.56 -4.22
N GLU B 235 19.60 -30.73 -4.78
CA GLU B 235 20.16 -31.82 -3.98
C GLU B 235 21.51 -31.43 -3.37
N LYS B 236 22.24 -30.50 -3.99
CA LYS B 236 23.49 -30.04 -3.40
CA LYS B 236 23.49 -30.04 -3.39
C LYS B 236 23.28 -29.15 -2.18
N LEU B 237 22.07 -28.68 -1.93
CA LEU B 237 21.79 -27.91 -0.74
C LEU B 237 20.83 -28.62 0.21
N ASN B 238 19.75 -29.24 -0.31
CA ASN B 238 18.74 -29.77 0.61
C ASN B 238 19.20 -31.03 1.32
N GLN B 239 20.26 -31.68 0.83
CA GLN B 239 20.87 -32.78 1.59
C GLN B 239 21.79 -32.29 2.71
N ILE B 240 22.15 -31.01 2.69
CA ILE B 240 22.97 -30.42 3.76
C ILE B 240 22.10 -29.70 4.77
N MET B 241 21.32 -28.72 4.32
CA MET B 241 20.46 -27.93 5.19
C MET B 241 19.10 -28.63 5.29
N THR B 242 19.08 -29.68 6.11
CA THR B 242 17.94 -30.58 6.27
C THR B 242 16.83 -30.08 7.17
N PRO B 243 17.04 -29.11 8.06
CA PRO B 243 15.93 -28.67 8.92
C PRO B 243 14.81 -28.08 8.10
N PRO B 244 13.57 -28.25 8.53
CA PRO B 244 12.47 -27.58 7.84
C PRO B 244 12.65 -26.07 7.92
N LEU B 245 12.24 -25.41 6.83
CA LEU B 245 12.44 -23.98 6.62
C LEU B 245 11.12 -23.27 6.71
N TYR B 246 11.09 -22.16 7.45
CA TYR B 246 9.88 -21.39 7.63
C TYR B 246 10.11 -19.92 7.32
N PRO B 247 9.84 -19.47 6.08
CA PRO B 247 9.97 -18.04 5.77
C PRO B 247 8.83 -17.25 6.37
N VAL B 248 9.17 -16.29 7.26
CA VAL B 248 8.14 -15.57 8.02
C VAL B 248 8.24 -14.05 7.89
N GLY B 249 9.06 -13.58 6.93
CA GLY B 249 9.29 -12.16 6.81
C GLY B 249 8.30 -11.48 5.89
N PRO B 250 8.35 -10.14 5.84
CA PRO B 250 9.31 -9.35 6.63
C PRO B 250 8.96 -9.22 8.11
N VAL B 251 9.90 -9.67 8.95
CA VAL B 251 9.82 -9.47 10.38
C VAL B 251 10.52 -8.15 10.68
N ALA B 252 9.72 -7.08 10.76
CA ALA B 252 10.20 -5.72 10.86
C ALA B 252 9.06 -4.87 11.40
N ARG B 253 9.39 -3.65 11.81
CA ARG B 253 8.36 -2.80 12.37
C ARG B 253 7.51 -2.25 11.23
N THR B 254 6.25 -2.67 11.17
CA THR B 254 5.33 -2.21 10.13
C THR B 254 4.18 -1.37 10.67
N THR B 255 4.15 -1.15 11.97
CA THR B 255 3.22 -0.21 12.55
C THR B 255 4.05 0.73 13.41
N VAL B 256 3.87 2.02 13.22
CA VAL B 256 4.51 2.98 14.08
C VAL B 256 3.42 3.76 14.79
N GLN B 257 3.52 3.86 16.12
CA GLN B 257 2.58 4.64 16.89
C GLN B 257 2.86 6.11 16.63
N GLU B 258 1.82 6.93 16.64
CA GLU B 258 2.02 8.36 16.51
C GLU B 258 2.83 8.84 17.70
N VAL B 259 3.78 9.72 17.46
CA VAL B 259 4.57 10.31 18.52
C VAL B 259 4.46 11.83 18.39
N VAL B 260 4.17 12.51 19.51
CA VAL B 260 3.85 13.92 19.48
C VAL B 260 5.00 14.89 19.78
N GLY B 261 5.97 14.47 20.58
CA GLY B 261 6.96 15.38 21.11
C GLY B 261 8.34 15.36 20.46
N ASN B 262 8.45 14.74 19.29
CA ASN B 262 9.75 14.47 18.69
C ASN B 262 10.16 15.60 17.75
N GLU B 263 11.29 16.24 18.06
CA GLU B 263 11.71 17.39 17.27
C GLU B 263 12.08 17.00 15.85
N CYS B 264 12.69 15.84 15.67
CA CYS B 264 13.02 15.39 14.33
C CYS B 264 11.75 15.13 13.51
N LEU B 265 10.82 14.34 14.05
CA LEU B 265 9.63 13.99 13.28
C LEU B 265 8.74 15.19 13.04
N ASP B 266 8.71 16.14 14.00
CA ASP B 266 7.92 17.34 13.81
C ASP B 266 8.50 18.19 12.70
N TRP B 267 9.83 18.27 12.63
CA TRP B 267 10.46 18.94 11.51
C TRP B 267 10.19 18.20 10.19
N LEU B 268 10.27 16.88 10.23
CA LEU B 268 10.06 16.09 9.02
C LEU B 268 8.68 16.36 8.43
N SER B 269 7.67 16.48 9.30
CA SER B 269 6.32 16.71 8.81
C SER B 269 6.16 18.05 8.12
N LYS B 270 7.07 18.98 8.35
CA LYS B 270 7.03 20.26 7.68
C LYS B 270 7.69 20.23 6.33
N GLN B 271 8.28 19.05 5.92
CA GLN B 271 9.00 18.94 4.67
C GLN B 271 8.09 18.35 3.60
N PRO B 272 8.38 18.65 2.34
CA PRO B 272 7.51 18.18 1.25
C PRO B 272 7.50 16.67 1.12
N THR B 273 6.44 16.17 0.45
CA THR B 273 6.33 14.75 0.11
C THR B 273 7.61 14.24 -0.55
N GLU B 274 8.10 13.08 -0.06
CA GLU B 274 9.21 12.33 -0.70
C GLU B 274 10.42 13.22 -1.01
N SER B 275 10.74 14.13 -0.08
CA SER B 275 11.80 15.10 -0.30
C SER B 275 13.03 14.92 0.59
N VAL B 276 12.98 14.06 1.62
CA VAL B 276 14.04 14.00 2.61
C VAL B 276 14.80 12.67 2.47
N LEU B 277 16.13 12.78 2.38
CA LEU B 277 17.03 11.63 2.38
C LEU B 277 17.40 11.30 3.82
N TYR B 278 17.01 10.09 4.28
CA TYR B 278 17.46 9.56 5.56
C TYR B 278 18.81 8.86 5.37
N VAL B 279 19.77 9.22 6.21
CA VAL B 279 21.13 8.73 6.10
C VAL B 279 21.50 8.08 7.44
N ALA B 280 21.69 6.77 7.42
CA ALA B 280 22.08 6.07 8.63
C ALA B 280 22.81 4.81 8.23
N LEU B 281 24.01 4.64 8.75
CA LEU B 281 24.74 3.42 8.49
C LEU B 281 24.51 2.46 9.64
N GLY B 282 23.24 2.23 9.97
CA GLY B 282 22.82 1.20 10.90
C GLY B 282 23.13 1.52 12.35
N SER B 283 23.12 0.46 13.17
CA SER B 283 23.51 0.60 14.58
C SER B 283 25.02 0.51 14.76
N GLY B 284 25.71 -0.23 13.89
CA GLY B 284 27.14 -0.48 14.09
C GLY B 284 28.09 0.07 13.05
N GLY B 285 27.62 0.93 12.15
CA GLY B 285 28.44 1.37 11.01
C GLY B 285 29.23 2.65 11.25
N ILE B 286 30.50 2.63 10.86
CA ILE B 286 31.41 3.76 11.01
C ILE B 286 32.17 3.94 9.70
N ILE B 287 32.71 5.14 9.50
CA ILE B 287 33.36 5.52 8.25
C ILE B 287 34.54 6.42 8.62
N SER B 288 35.56 6.45 7.73
CA SER B 288 36.72 7.27 8.01
C SER B 288 36.33 8.76 8.07
N TYR B 289 37.18 9.55 8.74
CA TYR B 289 36.99 11.00 8.76
C TYR B 289 36.96 11.58 7.36
N LYS B 290 37.78 11.07 6.46
CA LYS B 290 37.76 11.56 5.09
C LYS B 290 36.40 11.26 4.44
N GLN B 291 35.92 10.03 4.61
CA GLN B 291 34.64 9.67 4.00
C GLN B 291 33.51 10.47 4.60
N MET B 292 33.55 10.70 5.92
CA MET B 292 32.53 11.53 6.57
C MET B 292 32.56 12.95 6.01
N THR B 293 33.74 13.45 5.71
CA THR B 293 33.85 14.79 5.13
C THR B 293 33.24 14.82 3.73
N GLU B 294 33.53 13.80 2.89
CA GLU B 294 32.95 13.82 1.56
C GLU B 294 31.42 13.69 1.64
N LEU B 295 30.92 12.98 2.66
CA LEU B 295 29.48 12.79 2.80
C LEU B 295 28.82 14.09 3.22
N ALA B 296 29.42 14.81 4.17
CA ALA B 296 28.92 16.13 4.54
C ALA B 296 28.84 17.03 3.31
N TRP B 297 29.94 17.16 2.56
CA TRP B 297 29.95 18.10 1.44
C TRP B 297 29.00 17.65 0.34
N GLY B 298 28.96 16.35 0.05
CA GLY B 298 28.01 15.85 -0.94
C GLY B 298 26.57 16.13 -0.59
N LEU B 299 26.20 15.96 0.68
CA LEU B 299 24.86 16.30 1.12
C LEU B 299 24.57 17.81 0.95
N GLU B 300 25.50 18.66 1.38
CA GLU B 300 25.29 20.09 1.22
C GLU B 300 25.20 20.44 -0.26
N MET B 301 26.10 19.89 -1.09
CA MET B 301 26.14 20.21 -2.52
C MET B 301 24.85 19.79 -3.22
N SER B 302 24.21 18.73 -2.72
CA SER B 302 23.00 18.20 -3.37
C SER B 302 21.82 19.15 -3.27
N ARG B 303 21.78 20.00 -2.26
CA ARG B 303 20.66 20.89 -1.99
C ARG B 303 19.36 20.12 -1.79
N GLN B 304 19.47 18.86 -1.40
CA GLN B 304 18.36 18.02 -1.04
C GLN B 304 18.22 18.00 0.48
N ARG B 305 16.99 17.83 0.95
CA ARG B 305 16.81 17.73 2.39
C ARG B 305 17.35 16.40 2.92
N PHE B 306 17.75 16.40 4.20
CA PHE B 306 18.30 15.17 4.78
C PHE B 306 18.14 15.15 6.29
N ILE B 307 18.04 13.94 6.79
CA ILE B 307 18.23 13.63 8.23
C ILE B 307 19.39 12.66 8.27
N TRP B 308 20.49 13.05 8.94
CA TRP B 308 21.71 12.26 8.91
C TRP B 308 22.05 11.85 10.33
N VAL B 309 22.04 10.55 10.60
CA VAL B 309 22.44 10.01 11.91
C VAL B 309 23.94 9.80 11.88
N VAL B 310 24.69 10.53 12.70
CA VAL B 310 26.13 10.51 12.66
C VAL B 310 26.72 9.92 13.93
N ARG B 311 27.79 9.16 13.77
CA ARG B 311 28.58 8.79 14.93
C ARG B 311 30.06 9.03 14.63
N LEU B 312 30.88 8.81 15.64
CA LEU B 312 32.27 9.15 15.54
C LEU B 312 32.89 8.42 14.36
N PRO B 313 33.79 9.07 13.62
CA PRO B 313 34.47 8.39 12.52
C PRO B 313 35.45 7.35 13.07
N THR B 314 35.94 6.52 12.18
CA THR B 314 36.81 5.42 12.55
C THR B 314 38.03 5.95 13.29
N MET B 315 38.38 5.28 14.39
CA MET B 315 39.53 5.54 15.23
C MET B 315 40.53 4.40 15.07
N GLU B 316 41.78 4.63 15.46
CA GLU B 316 42.81 3.62 15.22
C GLU B 316 42.49 2.28 15.89
N LYS B 317 41.64 2.27 16.91
CA LYS B 317 41.27 1.02 17.57
C LYS B 317 40.25 0.20 16.76
N ASP B 318 39.47 0.84 15.87
CA ASP B 318 38.23 0.25 15.42
C ASP B 318 38.40 -0.97 14.51
N GLY B 319 37.38 -1.85 14.55
CA GLY B 319 37.23 -2.92 13.58
C GLY B 319 36.33 -2.52 12.42
N ALA B 320 35.78 -3.53 11.73
CA ALA B 320 34.91 -3.27 10.58
C ALA B 320 33.64 -2.53 10.99
N CYS B 321 33.15 -2.77 12.20
CA CYS B 321 31.99 -2.08 12.74
C CYS B 321 32.31 -1.67 14.18
N ARG B 322 31.37 -0.97 14.81
CA ARG B 322 31.48 -0.59 16.22
C ARG B 322 30.17 -0.92 16.90
N PHE B 323 30.21 -1.61 18.03
CA PHE B 323 28.95 -1.92 18.70
C PHE B 323 28.30 -0.63 19.14
N PHE B 324 26.98 -0.57 19.07
CA PHE B 324 26.28 0.68 19.28
C PHE B 324 26.48 1.18 20.72
N SER B 325 26.86 2.45 20.85
CA SER B 325 26.93 3.10 22.14
C SER B 325 26.26 4.47 22.04
N ASP B 326 25.37 4.78 22.98
CA ASP B 326 24.58 6.00 22.96
C ASP B 326 25.23 7.10 23.79
N VAL B 327 26.36 6.76 24.41
CA VAL B 327 26.94 7.57 25.47
C VAL B 327 27.38 9.00 25.13
N ASN B 328 28.06 9.19 24.00
CA ASN B 328 28.64 10.49 23.72
C ASN B 328 27.85 11.25 22.66
N VAL B 329 27.28 12.40 23.06
CA VAL B 329 26.37 13.12 22.20
C VAL B 329 27.02 14.41 21.75
N LYS B 330 27.06 14.63 20.45
CA LYS B 330 27.69 15.84 19.92
C LYS B 330 29.19 15.63 19.75
N GLY B 331 29.70 14.50 20.24
CA GLY B 331 31.09 14.16 19.97
C GLY B 331 31.22 13.98 18.48
N PRO B 332 30.25 13.28 17.90
CA PRO B 332 30.19 13.04 16.46
C PRO B 332 30.03 14.33 15.66
N LEU B 333 29.24 15.26 16.19
CA LEU B 333 29.00 16.52 15.53
C LEU B 333 30.29 17.30 15.39
N GLU B 334 31.22 17.09 16.31
CA GLU B 334 32.50 17.78 16.31
C GLU B 334 33.33 17.45 15.08
N TYR B 335 33.07 16.30 14.47
CA TYR B 335 33.79 15.89 13.28
C TYR B 335 33.18 16.39 11.95
N LEU B 336 32.07 17.09 11.99
CA LEU B 336 31.51 17.69 10.78
C LEU B 336 32.39 18.85 10.32
N PRO B 337 32.26 19.25 9.05
CA PRO B 337 32.87 20.52 8.62
C PRO B 337 32.42 21.67 9.51
N GLU B 338 33.38 22.52 9.87
CA GLU B 338 33.05 23.64 10.73
C GLU B 338 31.98 24.50 10.08
N GLY B 339 30.97 24.86 10.85
CA GLY B 339 29.83 25.61 10.34
C GLY B 339 28.80 24.76 9.59
N PHE B 340 29.01 23.44 9.50
CA PHE B 340 28.11 22.59 8.73
C PHE B 340 26.66 22.73 9.19
N LEU B 341 26.41 22.65 10.49
CA LEU B 341 25.03 22.66 10.97
C LEU B 341 24.34 23.97 10.64
N ASP B 342 25.03 25.09 10.79
CA ASP B 342 24.44 26.38 10.46
CA ASP B 342 24.43 26.38 10.45
C ASP B 342 24.26 26.52 8.95
N ARG B 343 25.26 26.13 8.17
CA ARG B 343 25.14 26.24 6.73
C ARG B 343 23.95 25.46 6.21
N ASN B 344 23.63 24.33 6.84
CA ASN B 344 22.62 23.42 6.32
C ASN B 344 21.41 23.38 7.22
N LYS B 345 21.14 24.48 7.94
CA LYS B 345 20.05 24.41 8.90
C LYS B 345 18.70 24.48 8.22
N GLU B 346 18.62 25.00 7.00
CA GLU B 346 17.32 25.05 6.36
C GLU B 346 16.84 23.66 5.89
N LEU B 347 17.73 22.88 5.29
CA LEU B 347 17.35 21.64 4.62
C LEU B 347 17.78 20.38 5.37
N GLY B 348 18.69 20.50 6.32
CA GLY B 348 19.37 19.36 6.91
C GLY B 348 19.25 19.28 8.41
N MET B 349 19.00 18.08 8.93
CA MET B 349 19.02 17.82 10.35
C MET B 349 20.03 16.71 10.64
N VAL B 350 20.92 16.95 11.61
CA VAL B 350 21.90 15.94 11.98
C VAL B 350 21.58 15.45 13.39
N LEU B 351 21.56 14.13 13.56
CA LEU B 351 21.25 13.52 14.84
C LEU B 351 22.47 12.74 15.35
N PRO B 352 22.88 12.96 16.58
CA PRO B 352 24.00 12.16 17.11
C PRO B 352 23.59 10.72 17.42
N ASN B 353 24.35 9.76 16.91
CA ASN B 353 24.26 8.35 17.40
C ASN B 353 23.02 7.55 16.95
N TRP B 354 21.82 8.08 17.16
CA TRP B 354 20.60 7.31 17.00
C TRP B 354 19.48 8.20 16.51
N GLY B 355 18.61 7.64 15.69
CA GLY B 355 17.44 8.33 15.18
C GLY B 355 16.24 7.41 15.17
N PRO B 356 15.06 7.99 15.06
CA PRO B 356 13.81 7.20 15.06
C PRO B 356 13.57 6.63 13.68
N GLN B 357 14.35 5.61 13.34
CA GLN B 357 14.42 5.10 11.97
C GLN B 357 13.08 4.56 11.50
N ASP B 358 12.41 3.77 12.33
CA ASP B 358 11.10 3.25 11.93
C ASP B 358 10.12 4.36 11.58
N ALA B 359 10.07 5.42 12.38
CA ALA B 359 9.13 6.50 12.14
C ALA B 359 9.56 7.33 10.93
N ILE B 360 10.88 7.53 10.74
CA ILE B 360 11.34 8.31 9.58
C ILE B 360 11.02 7.59 8.28
N LEU B 361 11.33 6.29 8.22
CA LEU B 361 11.08 5.54 7.00
C LEU B 361 9.58 5.43 6.68
N ALA B 362 8.73 5.48 7.70
CA ALA B 362 7.30 5.40 7.42
C ALA B 362 6.72 6.74 7.01
N HIS B 363 7.47 7.81 7.13
CA HIS B 363 6.93 9.15 6.95
C HIS B 363 6.82 9.51 5.49
N PRO B 364 5.68 10.06 5.04
CA PRO B 364 5.54 10.36 3.60
C PRO B 364 6.45 11.44 3.09
N SER B 365 7.11 12.22 3.98
CA SER B 365 8.06 13.22 3.49
C SER B 365 9.44 12.62 3.22
N THR B 366 9.64 11.37 3.59
CA THR B 366 10.92 10.70 3.32
C THR B 366 10.99 10.21 1.88
N GLY B 367 12.04 10.62 1.16
CA GLY B 367 12.18 10.28 -0.23
C GLY B 367 13.23 9.22 -0.55
N GLY B 368 14.05 8.87 0.43
CA GLY B 368 15.13 7.93 0.16
C GLY B 368 15.90 7.62 1.43
N PHE B 369 16.74 6.58 1.33
CA PHE B 369 17.46 6.02 2.46
C PHE B 369 18.86 5.64 1.99
N LEU B 370 19.85 6.41 2.44
CA LEU B 370 21.27 6.03 2.31
C LEU B 370 21.60 5.12 3.47
N SER B 371 21.76 3.82 3.17
CA SER B 371 21.73 2.75 4.16
C SER B 371 22.95 1.85 3.97
N HIS B 372 23.45 1.30 5.09
CA HIS B 372 24.50 0.29 4.98
C HIS B 372 23.96 -1.07 4.60
N CYS B 373 22.63 -1.19 4.42
CA CYS B 373 21.99 -2.41 3.93
C CYS B 373 22.13 -3.58 4.91
N GLY B 374 22.22 -3.27 6.20
CA GLY B 374 21.96 -4.31 7.20
C GLY B 374 20.60 -4.88 6.87
N TRP B 375 20.32 -6.14 7.21
CA TRP B 375 19.08 -6.72 6.71
C TRP B 375 17.86 -6.11 7.37
N ASN B 376 17.93 -5.69 8.64
CA ASN B 376 16.76 -5.06 9.23
C ASN B 376 16.50 -3.72 8.56
N SER B 377 17.55 -2.95 8.30
CA SER B 377 17.37 -1.68 7.60
C SER B 377 16.86 -1.90 6.19
N SER B 378 17.35 -2.94 5.51
CA SER B 378 16.85 -3.25 4.19
C SER B 378 15.36 -3.56 4.24
N LEU B 379 14.95 -4.36 5.22
CA LEU B 379 13.56 -4.71 5.36
C LEU B 379 12.71 -3.50 5.66
N GLU B 380 13.24 -2.61 6.50
CA GLU B 380 12.48 -1.41 6.83
C GLU B 380 12.30 -0.53 5.61
N SER B 381 13.30 -0.46 4.72
CA SER B 381 13.09 0.29 3.49
C SER B 381 12.01 -0.39 2.64
N ILE B 382 12.02 -1.73 2.60
CA ILE B 382 11.09 -2.48 1.79
C ILE B 382 9.67 -2.30 2.29
N VAL B 383 9.44 -2.46 3.60
CA VAL B 383 8.05 -2.41 4.07
C VAL B 383 7.47 -1.02 4.01
N ASN B 384 8.33 0.00 3.80
CA ASN B 384 7.91 1.38 3.66
C ASN B 384 8.03 1.90 2.22
N GLY B 385 8.44 1.07 1.28
CA GLY B 385 8.60 1.50 -0.10
C GLY B 385 9.53 2.67 -0.30
N VAL B 386 10.66 2.69 0.41
CA VAL B 386 11.63 3.77 0.32
C VAL B 386 12.82 3.29 -0.51
N PRO B 387 13.17 4.00 -1.58
CA PRO B 387 14.34 3.61 -2.38
C PRO B 387 15.67 3.89 -1.66
N VAL B 388 16.71 3.15 -2.04
CA VAL B 388 17.93 3.09 -1.25
C VAL B 388 19.12 3.61 -2.05
N ILE B 389 20.04 4.26 -1.35
CA ILE B 389 21.43 4.40 -1.82
C ILE B 389 22.24 3.35 -1.05
N ALA B 390 22.77 2.35 -1.74
CA ALA B 390 23.35 1.20 -1.07
C ALA B 390 24.83 1.42 -0.76
N TRP B 391 25.15 1.39 0.52
CA TRP B 391 26.46 1.67 1.05
C TRP B 391 26.88 0.57 2.04
N PRO B 392 27.10 -0.65 1.56
CA PRO B 392 27.40 -1.77 2.45
C PRO B 392 28.76 -1.65 3.12
N LEU B 393 28.85 -2.04 4.38
CA LEU B 393 30.10 -1.92 5.12
C LEU B 393 30.70 -3.18 5.77
N TYR B 394 29.85 -4.09 6.27
CA TYR B 394 30.30 -5.22 7.03
C TYR B 394 29.27 -6.37 7.03
N ALA B 395 29.65 -7.49 7.62
CA ALA B 395 28.76 -8.65 7.71
C ALA B 395 28.37 -9.08 6.29
N GLU B 396 27.08 -9.29 6.07
CA GLU B 396 26.60 -9.69 4.75
C GLU B 396 25.98 -8.54 3.96
N GLN B 397 26.30 -7.31 4.34
CA GLN B 397 25.68 -6.15 3.72
C GLN B 397 25.96 -6.06 2.22
N LYS B 398 27.13 -6.48 1.76
CA LYS B 398 27.40 -6.42 0.32
C LYS B 398 26.45 -7.35 -0.44
N MET B 399 26.18 -8.54 0.08
CA MET B 399 25.14 -9.38 -0.53
C MET B 399 23.79 -8.69 -0.51
N ASN B 400 23.44 -8.04 0.62
CA ASN B 400 22.14 -7.39 0.73
C ASN B 400 22.03 -6.22 -0.27
N ALA B 401 23.10 -5.44 -0.39
CA ALA B 401 23.10 -4.34 -1.33
C ALA B 401 22.92 -4.83 -2.76
N THR B 402 23.59 -5.93 -3.11
CA THR B 402 23.48 -6.47 -4.45
C THR B 402 22.07 -7.00 -4.70
N LEU B 403 21.46 -7.63 -3.70
CA LEU B 403 20.06 -8.05 -3.80
C LEU B 403 19.16 -6.85 -4.06
N LEU B 404 19.27 -5.82 -3.22
CA LEU B 404 18.43 -4.64 -3.40
C LEU B 404 18.62 -4.03 -4.78
N THR B 405 19.87 -4.00 -5.24
CA THR B 405 20.17 -3.27 -6.44
C THR B 405 19.83 -4.08 -7.69
N GLU B 406 20.36 -5.30 -7.77
CA GLU B 406 20.30 -6.10 -8.98
C GLU B 406 19.01 -6.91 -9.07
N GLU B 407 18.49 -7.40 -7.96
CA GLU B 407 17.31 -8.27 -8.00
C GLU B 407 16.03 -7.49 -7.77
N LEU B 408 16.01 -6.55 -6.85
CA LEU B 408 14.76 -5.85 -6.59
C LEU B 408 14.63 -4.56 -7.38
N GLY B 409 15.75 -3.96 -7.79
CA GLY B 409 15.69 -2.74 -8.54
C GLY B 409 15.32 -1.52 -7.75
N VAL B 410 15.61 -1.49 -6.45
CA VAL B 410 15.16 -0.39 -5.61
C VAL B 410 16.29 0.52 -5.18
N ALA B 411 17.53 0.28 -5.62
CA ALA B 411 18.66 1.00 -5.07
C ALA B 411 19.57 1.54 -6.16
N VAL B 412 20.19 2.68 -5.88
CA VAL B 412 21.36 3.14 -6.63
C VAL B 412 22.59 2.96 -5.73
N ARG B 413 23.76 2.88 -6.36
CA ARG B 413 24.94 2.59 -5.55
C ARG B 413 26.13 3.25 -6.22
N PRO B 414 27.20 3.52 -5.47
CA PRO B 414 28.42 4.07 -6.08
C PRO B 414 29.05 3.08 -7.05
N GLU B 415 29.91 3.61 -7.91
CA GLU B 415 30.56 2.75 -8.92
C GLU B 415 31.49 1.73 -8.25
N VAL B 416 32.13 2.12 -7.15
CA VAL B 416 33.08 1.29 -6.43
C VAL B 416 32.61 1.15 -5.00
N LEU B 417 32.74 -0.05 -4.44
CA LEU B 417 32.35 -0.28 -3.05
C LEU B 417 33.01 0.73 -2.13
N PRO B 418 32.26 1.37 -1.24
CA PRO B 418 32.83 2.27 -0.25
C PRO B 418 33.93 1.67 0.59
N THR B 419 33.88 0.37 0.89
CA THR B 419 35.01 -0.24 1.62
C THR B 419 36.25 -0.38 0.74
N LYS B 420 36.13 -0.21 -0.57
CA LYS B 420 37.30 -0.26 -1.47
C LYS B 420 37.88 1.09 -1.81
N ALA B 421 37.06 2.11 -1.91
CA ALA B 421 37.54 3.44 -2.27
C ALA B 421 36.60 4.47 -1.68
N VAL B 422 37.18 5.60 -1.26
CA VAL B 422 36.37 6.70 -0.78
C VAL B 422 35.43 7.14 -1.89
N VAL B 423 34.14 7.27 -1.56
CA VAL B 423 33.17 7.89 -2.45
C VAL B 423 33.29 9.40 -2.37
N SER B 424 33.47 10.07 -3.52
CA SER B 424 33.67 11.51 -3.55
C SER B 424 32.40 12.27 -3.24
N ARG B 425 32.58 13.50 -2.74
CA ARG B 425 31.43 14.38 -2.55
C ARG B 425 30.66 14.58 -3.85
N ASP B 426 31.34 14.52 -4.99
CA ASP B 426 30.65 14.68 -6.27
C ASP B 426 29.77 13.48 -6.57
N GLU B 427 30.29 12.28 -6.39
CA GLU B 427 29.47 11.11 -6.66
C GLU B 427 28.31 11.06 -5.66
N ILE B 428 28.55 11.48 -4.42
CA ILE B 428 27.48 11.51 -3.41
C ILE B 428 26.42 12.49 -3.83
N GLU B 429 26.80 13.71 -4.23
CA GLU B 429 25.81 14.67 -4.72
C GLU B 429 24.95 14.05 -5.81
N LYS B 430 25.60 13.38 -6.76
CA LYS B 430 24.87 12.80 -7.88
C LYS B 430 23.89 11.72 -7.45
N MET B 431 24.31 10.84 -6.54
CA MET B 431 23.41 9.79 -6.10
C MET B 431 22.25 10.37 -5.31
N VAL B 432 22.50 11.38 -4.45
CA VAL B 432 21.44 11.96 -3.65
C VAL B 432 20.41 12.63 -4.54
N ARG B 433 20.87 13.40 -5.53
CA ARG B 433 19.94 14.05 -6.42
C ARG B 433 19.17 13.02 -7.26
N ARG B 434 19.83 11.97 -7.68
CA ARG B 434 19.18 10.96 -8.50
C ARG B 434 18.01 10.36 -7.72
N VAL B 435 18.22 10.02 -6.46
CA VAL B 435 17.15 9.36 -5.72
C VAL B 435 16.06 10.36 -5.35
N ILE B 436 16.43 11.54 -4.87
CA ILE B 436 15.40 12.43 -4.29
C ILE B 436 14.66 13.21 -5.38
N GLU B 437 15.36 13.69 -6.42
CA GLU B 437 14.73 14.62 -7.36
C GLU B 437 14.58 14.12 -8.79
N SER B 438 15.35 13.14 -9.22
CA SER B 438 15.32 12.78 -10.63
C SER B 438 14.25 11.75 -10.98
N LYS B 439 14.01 11.61 -12.27
CA LYS B 439 13.05 10.67 -12.81
C LYS B 439 13.45 9.24 -12.51
N GLU B 440 14.74 8.96 -12.53
CA GLU B 440 15.26 7.65 -12.19
C GLU B 440 14.85 7.34 -10.76
N GLY B 441 14.93 8.36 -9.92
CA GLY B 441 14.56 8.19 -8.52
C GLY B 441 13.11 7.80 -8.41
N LYS B 442 12.27 8.41 -9.22
CA LYS B 442 10.84 8.09 -9.26
C LYS B 442 10.57 6.65 -9.67
N MET B 443 11.32 6.17 -10.65
CA MET B 443 11.17 4.83 -11.11
C MET B 443 11.56 3.85 -10.00
N LYS B 444 12.65 4.13 -9.27
CA LYS B 444 13.03 3.23 -8.20
C LYS B 444 12.05 3.29 -7.04
N ARG B 445 11.54 4.50 -6.74
CA ARG B 445 10.50 4.65 -5.72
C ARG B 445 9.25 3.85 -6.07
N ASN B 446 8.83 3.90 -7.34
CA ASN B 446 7.65 3.12 -7.77
C ASN B 446 7.89 1.62 -7.71
N ARG B 447 9.07 1.16 -8.14
CA ARG B 447 9.48 -0.23 -7.94
C ARG B 447 9.43 -0.60 -6.46
N ALA B 448 9.88 0.29 -5.59
CA ALA B 448 9.87 0.01 -4.16
C ALA B 448 8.45 -0.10 -3.62
N ARG B 449 7.52 0.69 -4.15
CA ARG B 449 6.11 0.55 -3.77
C ARG B 449 5.56 -0.80 -4.19
N SER B 450 5.99 -1.31 -5.33
CA SER B 450 5.52 -2.62 -5.77
C SER B 450 6.10 -3.73 -4.92
N VAL B 451 7.41 -3.66 -4.61
CA VAL B 451 8.00 -4.63 -3.70
C VAL B 451 7.33 -4.55 -2.32
N GLN B 452 7.08 -3.34 -1.84
CA GLN B 452 6.39 -3.15 -0.56
C GLN B 452 5.04 -3.86 -0.54
N SER B 453 4.28 -3.73 -1.63
CA SER B 453 2.95 -4.32 -1.67
C SER B 453 3.01 -5.84 -1.51
N ASP B 454 3.93 -6.51 -2.23
CA ASP B 454 4.12 -7.95 -2.07
C ASP B 454 4.56 -8.28 -0.64
N ALA B 455 5.41 -7.42 -0.05
CA ALA B 455 6.00 -7.73 1.26
C ALA B 455 4.93 -7.69 2.34
N LEU B 456 4.10 -6.65 2.32
CA LEU B 456 3.04 -6.51 3.31
C LEU B 456 1.98 -7.57 3.11
N LYS B 457 1.76 -7.99 1.87
CA LYS B 457 0.82 -9.07 1.61
C LYS B 457 1.27 -10.36 2.27
N ALA B 458 2.59 -10.58 2.30
CA ALA B 458 3.10 -11.83 2.85
C ALA B 458 2.75 -11.99 4.32
N ILE B 459 2.74 -10.87 5.05
CA ILE B 459 2.64 -10.94 6.50
C ILE B 459 1.25 -10.61 6.99
N GLU B 460 0.39 -10.15 6.11
CA GLU B 460 -1.00 -9.93 6.44
C GLU B 460 -1.78 -11.21 6.28
N LYS B 461 -3.00 -11.19 6.82
CA LYS B 461 -3.81 -12.39 6.85
C LYS B 461 -3.89 -13.00 5.45
N GLY B 462 -3.76 -14.33 5.40
CA GLY B 462 -3.72 -15.04 4.15
C GLY B 462 -2.42 -14.96 3.38
N GLY B 463 -1.43 -14.20 3.86
CA GLY B 463 -0.16 -14.13 3.14
C GLY B 463 0.74 -15.32 3.41
N SER B 464 1.78 -15.49 2.57
CA SER B 464 2.57 -16.69 2.67
C SER B 464 3.27 -16.78 4.03
N SER B 465 3.77 -15.64 4.54
CA SER B 465 4.51 -15.66 5.78
C SER B 465 3.58 -15.74 6.99
N TYR B 466 2.44 -15.05 6.91
CA TYR B 466 1.40 -15.19 7.92
C TYR B 466 1.02 -16.65 8.11
N ASN B 467 0.77 -17.36 7.00
CA ASN B 467 0.44 -18.78 7.11
C ASN B 467 1.60 -19.60 7.65
N THR B 468 2.82 -19.30 7.19
CA THR B 468 3.97 -20.06 7.67
C THR B 468 4.18 -19.88 9.17
N LEU B 469 3.95 -18.67 9.68
CA LEU B 469 4.13 -18.45 11.11
C LEU B 469 3.08 -19.22 11.92
N ILE B 470 1.85 -19.27 11.40
CA ILE B 470 0.84 -20.09 12.07
C ILE B 470 1.28 -21.54 12.08
N GLU B 471 1.87 -22.02 10.96
CA GLU B 471 2.35 -23.41 10.91
C GLU B 471 3.43 -23.68 11.96
N VAL B 472 4.39 -22.77 12.09
CA VAL B 472 5.44 -23.04 13.07
C VAL B 472 4.88 -22.86 14.49
N ALA B 473 3.96 -21.92 14.71
CA ALA B 473 3.34 -21.82 16.03
C ALA B 473 2.65 -23.12 16.41
N LYS B 474 2.00 -23.76 15.44
CA LYS B 474 1.38 -25.05 15.68
C LYS B 474 2.41 -26.12 16.02
N GLU B 475 3.62 -26.03 15.46
CA GLU B 475 4.68 -26.95 15.86
C GLU B 475 5.00 -26.75 17.34
N PHE B 476 5.06 -25.48 17.79
CA PHE B 476 5.31 -25.22 19.20
C PHE B 476 4.20 -25.82 20.08
N GLU B 477 2.94 -25.73 19.63
CA GLU B 477 1.85 -26.31 20.39
C GLU B 477 1.96 -27.83 20.46
N LYS B 478 2.36 -28.45 19.37
CA LYS B 478 2.56 -29.88 19.29
C LYS B 478 3.64 -30.33 20.23
N ASN B 479 4.68 -29.53 20.36
CA ASN B 479 5.79 -29.87 21.24
C ASN B 479 5.33 -29.99 22.69
N HIS B 480 4.28 -29.25 23.04
CA HIS B 480 3.79 -29.11 24.40
C HIS B 480 2.85 -30.23 24.80
N1 UDP C . -19.24 5.96 -19.28
C2 UDP C . -19.40 6.39 -20.51
N3 UDP C . -19.39 5.55 -21.53
C4 UDP C . -19.24 4.24 -21.35
C5 UDP C . -19.06 3.72 -20.05
C6 UDP C . -19.06 4.66 -19.01
O2 UDP C . -19.58 7.55 -20.73
O4 UDP C . -19.24 3.41 -22.45
C1' UDP C . -19.29 6.88 -18.19
C2' UDP C . -20.40 6.69 -17.46
O2' UDP C . -21.47 7.55 -18.04
C3' UDP C . -20.16 7.14 -16.03
C4' UDP C . -18.65 6.64 -15.92
O4' UDP C . -18.21 6.51 -17.14
O3' UDP C . -20.16 8.48 -15.74
C5' UDP C . -18.57 5.27 -15.14
O5' UDP C . -18.70 5.61 -13.79
PA UDP C . -19.45 4.57 -12.76
O1A UDP C . -19.53 5.26 -11.43
O2A UDP C . -20.82 4.19 -13.24
O3A UDP C . -18.65 3.19 -12.69
PB UDP C . -17.11 2.77 -12.92
O1B UDP C . -16.86 1.62 -11.97
O2B UDP C . -16.20 3.93 -12.55
O3B UDP C . -17.07 2.29 -14.29
C1 EDO D . -9.00 7.50 -15.50
O1 EDO D . -7.65 7.25 -15.78
C2 EDO D . -9.57 8.78 -16.04
O2 EDO D . -8.81 9.86 -15.50
C1 EDO E . -18.91 16.57 -16.31
O1 EDO E . -19.73 17.55 -16.95
C2 EDO E . -18.30 15.67 -17.37
O2 EDO E . -17.51 16.46 -18.26
C1 EDO F . -21.45 17.71 -19.90
O1 EDO F . -20.30 16.89 -20.00
C2 EDO F . -22.70 16.83 -20.02
O2 EDO F . -22.81 16.19 -21.28
C1 EDO G . -4.24 8.59 -26.27
O1 EDO G . -4.86 7.93 -27.39
C2 EDO G . -4.37 10.10 -26.43
O2 EDO G . -5.76 10.46 -26.48
C1 EDO H . -1.22 25.07 -11.15
O1 EDO H . -2.16 26.09 -10.83
C2 EDO H . -1.04 24.98 -12.67
O2 EDO H . -0.09 23.96 -12.97
C1 EDO I . -29.73 3.33 1.93
O1 EDO I . -29.65 4.79 1.84
C2 EDO I . -31.18 2.87 2.00
O2 EDO I . -31.83 3.50 3.09
C1 EDO J . -22.53 -13.98 0.47
O1 EDO J . -22.11 -15.03 -0.43
C2 EDO J . -23.26 -14.54 1.69
O2 EDO J . -24.43 -15.27 1.28
C1 EDO K . -25.41 -6.72 12.70
O1 EDO K . -25.51 -8.01 12.16
C2 EDO K . -23.95 -6.47 13.08
O2 EDO K . -23.69 -5.08 13.22
C1 EDO L . -8.41 17.47 10.67
O1 EDO L . -6.99 17.60 10.57
C2 EDO L . -9.06 18.83 10.95
O2 EDO L . -8.73 19.73 9.89
C1 EDO M . -44.68 4.92 -25.00
O1 EDO M . -44.79 3.51 -25.24
C2 EDO M . -43.71 5.52 -26.02
O2 EDO M . -44.18 5.30 -27.35
C1 EDO N . -17.03 -19.12 -25.50
O1 EDO N . -16.88 -20.28 -24.69
C2 EDO N . -18.52 -18.96 -25.86
O2 EDO N . -19.22 -18.84 -24.64
C1 EDO O . -40.62 11.50 -23.23
O1 EDO O . -39.73 12.02 -22.22
C2 EDO O . -39.99 10.20 -23.73
O2 EDO O . -39.85 9.33 -22.61
C1 EDO P . -44.17 4.81 -3.93
O1 EDO P . -44.22 4.93 -2.51
C2 EDO P . -45.49 5.32 -4.55
O2 EDO P . -45.65 6.69 -4.19
C1 EDO Q . -44.96 4.59 -19.68
O1 EDO Q . -43.70 4.26 -19.05
C2 EDO Q . -44.62 5.16 -21.04
O2 EDO Q . -43.77 6.30 -20.78
C1 EDO R . -47.85 7.33 -18.91
O1 EDO R . -47.77 6.10 -18.12
C2 EDO R . -47.30 8.59 -18.17
O2 EDO R . -45.89 8.54 -17.79
C1 EDO S . -8.76 3.18 13.12
O1 EDO S . -9.23 1.96 13.68
C2 EDO S . -7.55 2.88 12.25
O2 EDO S . -7.06 4.09 11.71
C1 EDO T . -9.56 7.85 14.63
O1 EDO T . -9.87 7.02 15.75
C2 EDO T . -8.07 8.16 14.61
O2 EDO T . -7.88 9.32 13.84
C1 EDO U . -13.52 8.65 14.75
O1 EDO U . -12.22 8.08 14.59
C2 EDO U . -13.47 9.87 15.67
O2 EDO U . -13.59 11.06 14.89
C1 EDO V . -11.95 1.98 -12.44
O1 EDO V . -10.70 2.54 -12.78
C2 EDO V . -12.00 0.64 -13.06
O2 EDO V . -11.64 0.87 -14.40
C1 EDO W . -12.85 -0.22 -7.40
O1 EDO W . -13.39 0.81 -6.61
C2 EDO W . -12.18 0.41 -8.55
O2 EDO W . -13.12 1.25 -9.24
C1 EDO X . -40.39 0.92 -4.06
O1 EDO X . -40.49 0.07 -2.91
C2 EDO X . -41.69 1.65 -4.24
O2 EDO X . -41.56 2.96 -3.74
C1 EDO Y . -37.08 9.22 -4.00
O1 EDO Y . -36.14 10.19 -4.16
C2 EDO Y . -38.47 9.86 -4.16
O2 EDO Y . -38.46 10.78 -5.25
C1 EDO Z . -19.63 -17.87 -28.70
O1 EDO Z . -20.27 -17.08 -29.65
C2 EDO Z . -19.13 -19.15 -29.35
O2 EDO Z . -18.36 -18.86 -30.50
C1 EDO AA . -18.21 -12.42 -5.43
O1 EDO AA . -18.63 -11.24 -6.08
C2 EDO AA . -19.42 -13.22 -4.95
O2 EDO AA . -20.62 -12.71 -5.54
N1 UDP BA . 18.23 1.76 14.00
C2 UDP BA . 17.53 2.77 14.51
N3 UDP BA . 18.07 3.96 14.60
C4 UDP BA . 19.32 4.18 14.23
C5 UDP BA . 20.09 3.15 13.70
C6 UDP BA . 19.49 1.90 13.59
O2 UDP BA . 16.38 2.62 14.85
O4 UDP BA . 19.85 5.44 14.36
C1' UDP BA . 17.62 0.45 13.84
C2' UDP BA . 17.38 0.12 12.57
O2' UDP BA . 16.05 0.63 12.23
C3' UDP BA . 17.38 -1.39 12.47
C4' UDP BA . 18.57 -1.69 13.46
O4' UDP BA . 18.70 -0.65 14.25
O3' UDP BA . 16.26 -2.01 12.90
C5' UDP BA . 19.92 -1.97 12.74
O5' UDP BA . 19.83 -3.27 12.27
PA UDP BA . 20.57 -3.65 10.87
O1A UDP BA . 20.29 -5.09 10.48
O2A UDP BA . 20.12 -2.74 9.76
O3A UDP BA . 22.13 -3.34 10.98
PB UDP BA . 23.21 -3.47 12.21
O1B UDP BA . 24.40 -3.95 11.47
O2B UDP BA . 22.75 -4.35 13.31
O3B UDP BA . 23.46 -2.05 12.65
C1 EDO CA . 6.37 -21.88 31.21
O1 EDO CA . 5.23 -21.08 31.57
C2 EDO CA . 6.04 -23.36 31.10
O2 EDO CA . 7.21 -24.06 30.65
C1 EDO DA . 22.57 -3.87 22.01
O1 EDO DA . 23.58 -4.75 22.59
C2 EDO DA . 21.18 -4.17 22.61
O2 EDO DA . 20.87 -5.55 22.36
C1 EDO EA . 32.74 -8.08 10.94
O1 EDO EA . 33.86 -8.36 10.09
C2 EDO EA . 31.46 -8.30 10.16
O2 EDO EA . 30.37 -8.04 11.04
C1 EDO FA . 31.81 -15.27 12.50
O1 EDO FA . 32.79 -15.67 11.64
C2 EDO FA . 30.53 -15.38 11.75
O2 EDO FA . 29.90 -16.61 12.00
C1 EDO GA . 10.48 -3.34 18.06
O1 EDO GA . 9.81 -3.26 19.34
C2 EDO GA . 9.96 -4.58 17.33
O2 EDO GA . 8.51 -4.46 17.15
C1 EDO HA . 7.19 5.49 3.20
O1 EDO HA . 7.95 6.68 3.51
C2 EDO HA . 6.58 5.60 1.80
O2 EDO HA . 7.63 5.76 0.83
C1 EDO IA . 3.02 -6.39 16.41
O1 EDO IA . 4.23 -5.72 16.08
C2 EDO IA . 2.84 -7.59 15.49
O2 EDO IA . 1.62 -8.26 15.82
C1 EDO JA . 3.01 -13.14 10.45
O1 EDO JA . 2.79 -11.74 10.49
C2 EDO JA . 4.36 -13.43 9.78
O2 EDO JA . 5.45 -12.85 10.49
C1 EDO KA . 5.23 -8.83 31.10
O1 EDO KA . 6.31 -8.15 31.67
C2 EDO KA . 4.59 -7.90 30.09
O2 EDO KA . 3.53 -8.44 29.47
C1 EDO LA . 27.94 -25.71 23.41
O1 EDO LA . 28.32 -25.21 22.13
C2 EDO LA . 27.39 -24.66 24.34
O2 EDO LA . 27.05 -25.25 25.58
C1 EDO MA . 25.71 -24.64 27.82
O1 EDO MA . 26.77 -23.67 27.64
C2 EDO MA . 26.17 -25.64 28.88
O2 EDO MA . 26.40 -24.91 30.09
C1 EDO NA . 22.46 -26.87 36.59
O1 EDO NA . 22.20 -25.82 37.52
C2 EDO NA . 23.41 -26.27 35.56
O2 EDO NA . 22.74 -25.13 35.02
C1 EDO OA . 27.65 -20.83 18.34
O1 EDO OA . 27.59 -22.09 17.66
C2 EDO OA . 27.22 -19.66 17.44
O2 EDO OA . 25.89 -19.81 17.02
C1 EDO PA . 9.06 -29.07 14.01
O1 EDO PA . 9.45 -28.48 15.22
C2 EDO PA . 10.09 -28.70 12.95
O2 EDO PA . 10.12 -27.29 12.84
C1 EDO QA . 31.11 -30.49 2.68
O1 EDO QA . 32.52 -30.60 2.94
C2 EDO QA . 30.41 -29.91 3.92
O2 EDO QA . 28.98 -29.75 3.71
C1 EDO RA . 25.80 -11.17 -8.62
O1 EDO RA . 26.15 -9.83 -8.49
C2 EDO RA . 26.49 -11.80 -9.82
O2 EDO RA . 25.97 -13.12 -9.84
C1 EDO SA . 7.47 1.74 10.34
O1 EDO SA . 8.67 1.49 9.63
C2 EDO SA . 6.26 0.89 9.92
O2 EDO SA . 5.90 1.11 8.51
C1 EDO TA . 18.66 -13.46 -3.65
O1 EDO TA . 17.99 -14.65 -3.17
C2 EDO TA . 19.52 -13.84 -4.92
O2 EDO TA . 18.53 -14.35 -5.94
C1 EDO UA . 19.86 21.10 14.07
O1 EDO UA . 18.57 20.50 13.92
C2 EDO UA . 21.01 20.11 13.78
O2 EDO UA . 20.96 19.64 12.44
C1 EDO VA . 17.09 22.99 11.13
O1 EDO VA . 16.48 23.02 12.41
C2 EDO VA . 17.08 21.53 10.63
O2 EDO VA . 17.87 20.74 11.49
C1 EDO WA . 28.54 8.66 9.55
O1 EDO WA . 27.25 8.55 8.97
C2 EDO WA . 28.39 8.11 10.95
O2 EDO WA . 27.89 6.75 10.84
C1 EDO XA . 38.29 2.97 2.91
O1 EDO XA . 39.13 4.10 3.18
C2 EDO XA . 37.93 3.09 1.43
O2 EDO XA . 39.14 3.09 0.68
C1 EDO YA . 41.31 7.94 0.49
O1 EDO YA . 41.52 9.10 -0.33
C2 EDO YA . 41.51 8.34 1.94
O2 EDO YA . 41.26 7.25 2.85
C1 EDO ZA . 37.47 19.45 2.81
O1 EDO ZA . 38.14 19.17 4.08
C2 EDO ZA . 37.51 20.95 2.49
O2 EDO ZA . 36.90 21.21 1.23
C1 EDO AB . 23.98 25.27 1.36
O1 EDO AB . 24.02 26.38 2.26
C2 EDO AB . 22.58 24.66 1.42
O2 EDO AB . 22.51 23.54 0.55
C1 EDO BB . 25.95 -3.52 15.82
O1 EDO BB . 25.69 -4.72 16.58
C2 EDO BB . 26.37 -3.96 14.43
O2 EDO BB . 27.51 -4.78 14.62
C1 EDO CB . 29.14 22.26 12.11
O1 EDO CB . 29.77 21.19 12.83
C2 EDO CB . 28.38 23.20 13.05
O2 EDO CB . 27.77 24.33 12.37
C1 EDO DB . 14.48 0.16 -11.48
O1 EDO DB . 14.16 -1.03 -10.82
C2 EDO DB . 13.18 0.62 -12.13
O2 EDO DB . 13.44 1.82 -12.86
C1 EDO EB . 22.83 1.62 -9.46
O1 EDO EB . 23.48 2.87 -9.24
C2 EDO EB . 21.76 1.85 -10.54
O2 EDO EB . 21.08 0.62 -10.75
C1 EDO FB . 27.65 7.01 -9.24
O1 EDO FB . 27.83 6.27 -10.42
C2 EDO FB . 26.62 6.30 -8.39
O2 EDO FB . 25.89 5.38 -9.18
C1 EDO GB . 7.19 9.88 -6.18
O1 EDO GB . 8.09 10.96 -6.28
C2 EDO GB . 6.79 9.38 -7.57
O2 EDO GB . 7.37 8.12 -7.74
C1 EDO HB . 21.65 -10.29 11.52
O1 EDO HB . 20.48 -9.72 12.09
C2 EDO HB . 22.20 -11.33 12.47
O2 EDO HB . 23.58 -11.25 12.47
C1 EDO IB . 30.53 -12.40 11.94
O1 EDO IB . 29.57 -13.32 12.50
C2 EDO IB . 29.84 -11.27 11.18
O2 EDO IB . 30.67 -10.82 10.10
C1 EDO JB . 36.92 -4.77 2.33
O1 EDO JB . 35.54 -4.71 2.62
C2 EDO JB . 37.16 -4.66 0.83
O2 EDO JB . 36.00 -4.08 0.24
C1 EDO KB . 14.03 -28.49 34.36
O1 EDO KB . 14.50 -29.82 34.52
C2 EDO KB . 12.67 -28.62 33.74
O2 EDO KB . 12.66 -27.77 32.65
C1 EDO LB . 8.95 -23.78 3.45
O1 EDO LB . 7.99 -23.67 4.47
C2 EDO LB . 9.98 -24.86 3.51
O2 EDO LB . 9.69 -25.88 2.64
#